data_2V58
#
_entry.id   2V58
#
_cell.length_a   84.211
_cell.length_b   106.609
_cell.length_c   122.344
_cell.angle_alpha   90.00
_cell.angle_beta   90.00
_cell.angle_gamma   90.00
#
_symmetry.space_group_name_H-M   'P 21 21 21'
#
loop_
_entity.id
_entity.type
_entity.pdbx_description
1 polymer 'BIOTIN CARBOXYLASE'
2 non-polymer 6-(2,6-dibromophenyl)pyrido[2,3-d]pyrimidine-2,7-diamine
3 non-polymer 'CHLORIDE ION'
4 water water
#
_entity_poly.entity_id   1
_entity_poly.type   'polypeptide(L)'
_entity_poly.pdbx_seq_one_letter_code
;MLDKIVIANRGEIALRILRACKELGIKTVAVHSSADRDLKHVLLADETVCIGPAPSVKSYLNIPAIISAAEITGAVAIHP
GYGFLSENANFAEQVERSGFIFIGPKAETIRLMGDKVSAIAAMKKAGVPCVPGSDGPLGDDMDKNRAIAKRIGYPVIIKA
SGGGGGRGMRVVRGDAELAQSISMTRAEAKAAFSNDMVYMEKYLENPRHVEIQVLADGQGNAIYLAERDCSMQRRHQKVV
EEAPAPGITPELRRYIGERCAKACVDIGYRGAGTFEFLFENGEFYFIEMNTRIQVEHPVTEMITGVDLIKEQLRIAAGQP
LSIKQEEVHVRGHAVECRINAEDPNTFLPSPGKITRFHAPGGFGVRWESHIYAGYTVPPYYDSMIGKLICYGENRDVAIA
RMKNALQELIIDGIKTNVDLQIRIMNDENFQHGGTNIHYLEKKLGLQEK
;
_entity_poly.pdbx_strand_id   A,B
#
# COMPACT_ATOMS: atom_id res chain seq x y z
N MET A 1 9.89 -24.39 7.40
CA MET A 1 9.82 -23.48 6.22
C MET A 1 10.75 -23.96 5.11
N LEU A 2 10.25 -23.90 3.87
CA LEU A 2 10.99 -24.35 2.69
C LEU A 2 12.32 -23.60 2.54
N ASP A 3 13.40 -24.35 2.32
CA ASP A 3 14.74 -23.77 2.23
C ASP A 3 14.94 -22.98 0.94
N LYS A 4 14.51 -23.55 -0.17
CA LYS A 4 14.80 -23.02 -1.50
C LYS A 4 13.75 -23.48 -2.48
N ILE A 5 13.24 -22.56 -3.30
CA ILE A 5 12.26 -22.91 -4.33
C ILE A 5 12.65 -22.39 -5.71
N VAL A 6 12.19 -23.09 -6.74
CA VAL A 6 12.27 -22.60 -8.11
C VAL A 6 11.00 -21.82 -8.42
N ILE A 7 11.16 -20.59 -8.89
CA ILE A 7 10.04 -19.79 -9.39
C ILE A 7 9.88 -20.09 -10.88
N ALA A 8 8.95 -20.99 -11.20
CA ALA A 8 8.74 -21.46 -12.56
C ALA A 8 7.79 -20.55 -13.32
N ASN A 9 8.18 -19.29 -13.45
CA ASN A 9 7.40 -18.28 -14.17
C ASN A 9 8.28 -17.06 -14.50
N ARG A 10 7.63 -15.98 -14.93
CA ARG A 10 8.33 -14.76 -15.37
C ARG A 10 7.52 -13.51 -15.03
N GLY A 11 8.05 -12.35 -15.40
CA GLY A 11 7.33 -11.09 -15.30
C GLY A 11 6.90 -10.72 -13.88
N GLU A 12 5.70 -10.16 -13.77
CA GLU A 12 5.23 -9.60 -12.50
C GLU A 12 5.00 -10.64 -11.41
N ILE A 13 4.43 -11.79 -11.78
CA ILE A 13 4.11 -12.84 -10.80
C ILE A 13 5.37 -13.48 -10.22
N ALA A 14 6.41 -13.58 -11.03
CA ALA A 14 7.69 -14.11 -10.56
C ALA A 14 8.30 -13.17 -9.53
N LEU A 15 8.16 -11.86 -9.76
CA LEU A 15 8.60 -10.85 -8.80
C LEU A 15 7.74 -10.90 -7.53
N ARG A 16 6.43 -11.06 -7.70
CA ARG A 16 5.48 -11.23 -6.60
C ARG A 16 5.87 -12.40 -5.70
N ILE A 17 6.17 -13.55 -6.32
CA ILE A 17 6.59 -14.75 -5.61
C ILE A 17 7.94 -14.55 -4.90
N LEU A 18 8.88 -13.91 -5.59
CA LEU A 18 10.21 -13.63 -5.03
C LEU A 18 10.14 -12.83 -3.74
N ARG A 19 9.32 -11.77 -3.73
CA ARG A 19 9.15 -10.93 -2.54
C ARG A 19 8.60 -11.74 -1.36
N ALA A 20 7.59 -12.56 -1.63
CA ALA A 20 7.02 -13.44 -0.63
C ALA A 20 8.06 -14.39 -0.05
N CYS A 21 8.89 -14.98 -0.91
CA CYS A 21 9.97 -15.87 -0.50
C CYS A 21 10.98 -15.18 0.41
N LYS A 22 11.39 -13.97 0.01
CA LYS A 22 12.33 -13.16 0.78
C LYS A 22 11.82 -12.83 2.19
N GLU A 23 10.52 -12.56 2.30
CA GLU A 23 9.88 -12.28 3.59
C GLU A 23 9.89 -13.48 4.53
N LEU A 24 9.86 -14.68 3.95
CA LEU A 24 9.84 -15.91 4.72
C LEU A 24 11.23 -16.54 4.86
N GLY A 25 12.23 -15.87 4.31
CA GLY A 25 13.62 -16.34 4.36
C GLY A 25 13.89 -17.51 3.43
N ILE A 26 13.06 -17.67 2.40
CA ILE A 26 13.21 -18.74 1.42
C ILE A 26 14.17 -18.32 0.31
N LYS A 27 15.19 -19.14 0.06
CA LYS A 27 16.13 -18.91 -1.04
C LYS A 27 15.41 -19.04 -2.39
N THR A 28 15.81 -18.21 -3.35
CA THR A 28 15.14 -18.16 -4.64
C THR A 28 16.00 -18.68 -5.79
N VAL A 29 15.38 -19.49 -6.64
CA VAL A 29 15.99 -19.90 -7.90
C VAL A 29 15.12 -19.38 -9.02
N ALA A 30 15.66 -18.43 -9.80
CA ALA A 30 14.94 -17.88 -10.94
C ALA A 30 15.33 -18.59 -12.23
N VAL A 31 14.42 -19.42 -12.73
CA VAL A 31 14.58 -20.03 -14.04
C VAL A 31 14.02 -19.07 -15.10
N HIS A 32 14.77 -18.88 -16.18
CA HIS A 32 14.42 -17.90 -17.18
C HIS A 32 14.85 -18.31 -18.58
N SER A 33 14.14 -17.80 -19.58
CA SER A 33 14.56 -17.92 -20.97
C SER A 33 15.74 -17.00 -21.24
N SER A 34 16.38 -17.18 -22.39
CA SER A 34 17.50 -16.33 -22.80
C SER A 34 17.07 -14.89 -23.08
N ALA A 35 15.78 -14.71 -23.36
CA ALA A 35 15.21 -13.38 -23.59
C ALA A 35 14.87 -12.65 -22.28
N ASP A 36 14.91 -13.38 -21.15
CA ASP A 36 14.49 -12.85 -19.85
C ASP A 36 15.63 -12.68 -18.83
N ARG A 37 16.85 -12.56 -19.33
CA ARG A 37 18.03 -12.40 -18.47
C ARG A 37 17.96 -11.15 -17.58
N ASP A 38 17.31 -10.11 -18.09
CA ASP A 38 17.28 -8.81 -17.40
C ASP A 38 15.95 -8.51 -16.71
N LEU A 39 15.15 -9.56 -16.46
CA LEU A 39 13.94 -9.43 -15.65
C LEU A 39 14.29 -9.03 -14.23
N LYS A 40 13.49 -8.12 -13.65
CA LYS A 40 13.75 -7.59 -12.30
C LYS A 40 13.94 -8.70 -11.26
N HIS A 41 13.06 -9.71 -11.26
CA HIS A 41 13.15 -10.80 -10.28
C HIS A 41 14.40 -11.67 -10.50
N VAL A 42 14.78 -11.87 -11.77
CA VAL A 42 16.02 -12.59 -12.10
C VAL A 42 17.23 -11.88 -11.48
N LEU A 43 17.27 -10.56 -11.61
CA LEU A 43 18.35 -9.74 -11.07
C LEU A 43 18.37 -9.72 -9.53
N LEU A 44 17.22 -9.97 -8.92
CA LEU A 44 17.10 -9.96 -7.46
C LEU A 44 17.23 -11.35 -6.84
N ALA A 45 17.19 -12.38 -7.67
CA ALA A 45 17.19 -13.77 -7.19
C ALA A 45 18.54 -14.21 -6.62
N ASP A 46 18.49 -15.17 -5.69
CA ASP A 46 19.70 -15.72 -5.07
C ASP A 46 20.51 -16.56 -6.06
N GLU A 47 19.79 -17.32 -6.89
CA GLU A 47 20.40 -18.12 -7.95
C GLU A 47 19.59 -18.00 -9.23
N THR A 48 20.28 -18.04 -10.37
CA THR A 48 19.62 -17.99 -11.66
C THR A 48 20.05 -19.15 -12.55
N VAL A 49 19.09 -19.69 -13.29
CA VAL A 49 19.36 -20.76 -14.25
C VAL A 49 18.65 -20.42 -15.56
N CYS A 50 19.43 -20.28 -16.63
CA CYS A 50 18.84 -20.13 -17.96
C CYS A 50 18.42 -21.51 -18.46
N ILE A 51 17.11 -21.69 -18.65
CA ILE A 51 16.54 -23.01 -18.96
C ILE A 51 16.27 -23.27 -20.44
N GLY A 52 16.51 -22.28 -21.28
CA GLY A 52 16.31 -22.43 -22.72
C GLY A 52 16.16 -21.13 -23.48
N PRO A 53 15.94 -21.21 -24.80
CA PRO A 53 15.72 -20.03 -25.64
C PRO A 53 14.38 -19.35 -25.37
N ALA A 54 14.12 -18.26 -26.08
CA ALA A 54 12.95 -17.40 -25.88
C ALA A 54 11.57 -18.09 -25.95
N PRO A 55 11.31 -18.91 -27.01
CA PRO A 55 9.99 -19.53 -27.11
C PRO A 55 9.65 -20.39 -25.89
N SER A 56 8.43 -20.22 -25.39
CA SER A 56 7.98 -20.85 -24.14
C SER A 56 8.10 -22.38 -24.12
N VAL A 57 7.93 -23.01 -25.28
CA VAL A 57 7.99 -24.48 -25.38
C VAL A 57 9.35 -25.04 -24.97
N LYS A 58 10.41 -24.24 -25.16
CA LYS A 58 11.77 -24.65 -24.82
C LYS A 58 12.28 -23.98 -23.54
N SER A 59 11.44 -23.17 -22.91
CA SER A 59 11.77 -22.57 -21.62
C SER A 59 10.70 -22.80 -20.55
N TYR A 60 9.70 -21.92 -20.50
CA TYR A 60 8.72 -21.94 -19.41
C TYR A 60 7.70 -23.08 -19.45
N LEU A 61 7.66 -23.81 -20.57
CA LEU A 61 6.84 -25.01 -20.68
C LEU A 61 7.72 -26.26 -20.72
N ASN A 62 9.04 -26.04 -20.64
CA ASN A 62 10.03 -27.11 -20.73
C ASN A 62 10.16 -27.85 -19.40
N ILE A 63 9.36 -28.91 -19.24
CA ILE A 63 9.30 -29.67 -17.98
C ILE A 63 10.65 -30.25 -17.52
N PRO A 64 11.36 -31.00 -18.40
CA PRO A 64 12.68 -31.52 -18.02
C PRO A 64 13.69 -30.46 -17.58
N ALA A 65 13.69 -29.30 -18.25
CA ALA A 65 14.63 -28.22 -17.92
C ALA A 65 14.35 -27.58 -16.57
N ILE A 66 13.06 -27.44 -16.23
CA ILE A 66 12.66 -26.83 -14.97
C ILE A 66 12.96 -27.76 -13.78
N ILE A 67 12.64 -29.03 -13.95
CA ILE A 67 12.95 -30.04 -12.92
C ILE A 67 14.47 -30.20 -12.73
N SER A 68 15.22 -30.17 -13.83
CA SER A 68 16.69 -30.24 -13.76
C SER A 68 17.29 -29.05 -13.01
N ALA A 69 16.70 -27.87 -13.21
CA ALA A 69 17.11 -26.66 -12.50
C ALA A 69 16.88 -26.78 -11.00
N ALA A 70 15.75 -27.37 -10.62
CA ALA A 70 15.46 -27.68 -9.22
C ALA A 70 16.47 -28.66 -8.65
N GLU A 71 16.81 -29.69 -9.44
CA GLU A 71 17.79 -30.69 -9.04
C GLU A 71 19.19 -30.10 -8.82
N ILE A 72 19.68 -29.34 -9.81
CA ILE A 72 21.05 -28.83 -9.76
C ILE A 72 21.29 -27.79 -8.66
N THR A 73 20.25 -27.03 -8.31
CA THR A 73 20.35 -25.97 -7.30
C THR A 73 20.08 -26.48 -5.88
N GLY A 74 19.51 -27.67 -5.77
CA GLY A 74 19.12 -28.23 -4.48
C GLY A 74 17.85 -27.60 -3.93
N ALA A 75 16.99 -27.13 -4.83
CA ALA A 75 15.70 -26.56 -4.44
C ALA A 75 14.77 -27.69 -3.98
N VAL A 76 13.81 -27.35 -3.12
CA VAL A 76 12.91 -28.35 -2.54
C VAL A 76 11.49 -28.28 -3.10
N ALA A 77 11.17 -27.15 -3.73
CA ALA A 77 9.81 -26.90 -4.21
C ALA A 77 9.79 -26.06 -5.49
N ILE A 78 8.67 -26.13 -6.21
CA ILE A 78 8.49 -25.35 -7.43
C ILE A 78 7.16 -24.59 -7.37
N HIS A 79 7.23 -23.27 -7.53
CA HIS A 79 6.04 -22.43 -7.65
C HIS A 79 5.78 -22.12 -9.12
N PRO A 80 4.64 -22.58 -9.66
CA PRO A 80 4.31 -22.42 -11.07
C PRO A 80 3.71 -21.06 -11.45
N GLY A 81 3.35 -20.25 -10.45
CA GLY A 81 2.65 -18.99 -10.69
C GLY A 81 1.29 -19.22 -11.31
N TYR A 82 0.95 -18.39 -12.30
CA TYR A 82 -0.23 -18.62 -13.14
C TYR A 82 0.19 -18.78 -14.60
N GLY A 83 -0.73 -19.27 -15.43
CA GLY A 83 -0.42 -19.58 -16.83
C GLY A 83 0.59 -20.71 -16.92
N PHE A 84 1.30 -20.77 -18.04
CA PHE A 84 2.31 -21.80 -18.31
C PHE A 84 1.92 -23.20 -17.84
N LEU A 85 2.57 -23.69 -16.78
CA LEU A 85 2.35 -25.07 -16.32
C LEU A 85 1.54 -25.19 -15.03
N SER A 86 1.01 -24.06 -14.55
CA SER A 86 0.32 -24.02 -13.25
C SER A 86 -0.91 -24.93 -13.14
N GLU A 87 -1.55 -25.22 -14.28
CA GLU A 87 -2.71 -26.12 -14.31
C GLU A 87 -2.41 -27.43 -15.04
N ASN A 88 -1.13 -27.72 -15.23
CA ASN A 88 -0.69 -28.95 -15.87
C ASN A 88 -0.50 -30.06 -14.84
N ALA A 89 -1.48 -30.98 -14.79
CA ALA A 89 -1.48 -32.07 -13.82
C ALA A 89 -0.31 -33.03 -14.02
N ASN A 90 0.04 -33.28 -15.28
CA ASN A 90 1.20 -34.12 -15.61
C ASN A 90 2.51 -33.54 -15.09
N PHE A 91 2.65 -32.22 -15.17
CA PHE A 91 3.81 -31.52 -14.63
C PHE A 91 3.87 -31.65 -13.10
N ALA A 92 2.75 -31.38 -12.43
CA ALA A 92 2.64 -31.51 -10.98
C ALA A 92 2.97 -32.94 -10.53
N GLU A 93 2.51 -33.91 -11.33
CA GLU A 93 2.78 -35.32 -11.13
C GLU A 93 4.28 -35.60 -11.20
N GLN A 94 4.92 -35.13 -12.26
CA GLN A 94 6.36 -35.30 -12.47
C GLN A 94 7.19 -34.63 -11.39
N VAL A 95 6.77 -33.43 -10.95
CA VAL A 95 7.44 -32.69 -9.89
C VAL A 95 7.49 -33.50 -8.59
N GLU A 96 6.33 -34.00 -8.16
CA GLU A 96 6.25 -34.82 -6.95
C GLU A 96 6.99 -36.15 -7.10
N ARG A 97 6.88 -36.75 -8.28
CA ARG A 97 7.59 -37.99 -8.63
C ARG A 97 9.10 -37.82 -8.49
N SER A 98 9.59 -36.66 -8.92
CA SER A 98 11.02 -36.35 -8.85
C SER A 98 11.46 -35.99 -7.43
N GLY A 99 10.49 -35.86 -6.52
CA GLY A 99 10.77 -35.63 -5.10
C GLY A 99 10.71 -34.19 -4.65
N PHE A 100 10.16 -33.32 -5.50
CA PHE A 100 10.01 -31.90 -5.17
C PHE A 100 8.56 -31.58 -4.85
N ILE A 101 8.34 -30.58 -4.03
CA ILE A 101 7.01 -30.11 -3.70
C ILE A 101 6.48 -29.21 -4.81
N PHE A 102 5.30 -29.53 -5.31
CA PHE A 102 4.57 -28.65 -6.21
C PHE A 102 3.70 -27.72 -5.38
N ILE A 103 3.96 -26.42 -5.48
CA ILE A 103 3.16 -25.44 -4.76
C ILE A 103 1.79 -25.29 -5.44
N GLY A 104 0.85 -26.08 -4.93
CA GLY A 104 -0.49 -26.20 -5.46
C GLY A 104 -1.16 -27.43 -4.86
N PRO A 105 -2.31 -27.85 -5.41
CA PRO A 105 -2.99 -29.03 -4.89
C PRO A 105 -2.34 -30.32 -5.39
N LYS A 106 -2.85 -31.47 -4.95
CA LYS A 106 -2.45 -32.76 -5.50
C LYS A 106 -2.76 -32.78 -6.99
N ALA A 107 -1.93 -33.51 -7.75
CA ALA A 107 -2.11 -33.64 -9.20
C ALA A 107 -3.50 -34.16 -9.58
N GLU A 108 -4.02 -35.10 -8.78
CA GLU A 108 -5.39 -35.63 -8.94
C GLU A 108 -6.44 -34.51 -8.91
N THR A 109 -6.26 -33.57 -7.99
CA THR A 109 -7.18 -32.44 -7.81
C THR A 109 -7.12 -31.47 -9.00
N ILE A 110 -5.91 -31.22 -9.50
CA ILE A 110 -5.69 -30.38 -10.68
C ILE A 110 -6.36 -31.03 -11.90
N ARG A 111 -6.18 -32.34 -12.02
CA ARG A 111 -6.78 -33.14 -13.10
C ARG A 111 -8.32 -33.07 -13.06
N LEU A 112 -8.87 -33.18 -11.84
CA LEU A 112 -10.32 -33.08 -11.63
C LEU A 112 -10.90 -31.72 -12.07
N MET A 113 -10.20 -30.64 -11.73
CA MET A 113 -10.69 -29.29 -12.04
C MET A 113 -10.47 -28.90 -13.50
N GLY A 114 -9.49 -29.55 -14.13
CA GLY A 114 -9.23 -29.39 -15.56
C GLY A 114 -10.23 -30.14 -16.42
N ASP A 115 -10.94 -31.09 -15.81
CA ASP A 115 -12.04 -31.79 -16.45
C ASP A 115 -13.33 -31.13 -15.97
N LYS A 116 -13.81 -30.18 -16.77
CA LYS A 116 -14.95 -29.34 -16.39
C LYS A 116 -16.23 -30.12 -16.08
N VAL A 117 -16.44 -31.23 -16.79
CA VAL A 117 -17.57 -32.12 -16.53
C VAL A 117 -17.47 -32.76 -15.13
N SER A 118 -16.32 -33.37 -14.83
CA SER A 118 -16.11 -34.01 -13.54
C SER A 118 -16.06 -33.01 -12.38
N ALA A 119 -15.51 -31.82 -12.66
CA ALA A 119 -15.46 -30.74 -11.68
C ALA A 119 -16.87 -30.29 -11.25
N ILE A 120 -17.72 -30.02 -12.24
CA ILE A 120 -19.13 -29.66 -11.99
C ILE A 120 -19.85 -30.75 -11.20
N ALA A 121 -19.63 -32.01 -11.58
CA ALA A 121 -20.22 -33.15 -10.89
C ALA A 121 -19.81 -33.20 -9.42
N ALA A 122 -18.53 -32.94 -9.15
CA ALA A 122 -18.00 -32.91 -7.79
C ALA A 122 -18.59 -31.75 -6.97
N MET A 123 -18.74 -30.60 -7.62
CA MET A 123 -19.28 -29.41 -6.95
C MET A 123 -20.76 -29.53 -6.64
N LYS A 124 -21.51 -30.05 -7.60
CA LYS A 124 -22.95 -30.29 -7.43
C LYS A 124 -23.20 -31.28 -6.29
N LYS A 125 -22.39 -32.33 -6.24
CA LYS A 125 -22.42 -33.32 -5.17
C LYS A 125 -22.12 -32.70 -3.80
N ALA A 126 -21.17 -31.77 -3.77
CA ALA A 126 -20.76 -31.09 -2.56
C ALA A 126 -21.76 -30.04 -2.06
N GLY A 127 -22.71 -29.66 -2.93
CA GLY A 127 -23.74 -28.70 -2.58
C GLY A 127 -23.54 -27.31 -3.15
N VAL A 128 -22.54 -27.15 -4.01
CA VAL A 128 -22.28 -25.89 -4.69
C VAL A 128 -23.27 -25.73 -5.85
N PRO A 129 -23.99 -24.59 -5.89
CA PRO A 129 -24.96 -24.37 -6.97
C PRO A 129 -24.29 -24.21 -8.34
N CYS A 130 -24.76 -24.98 -9.32
CA CYS A 130 -24.20 -24.97 -10.66
C CYS A 130 -25.22 -24.48 -11.69
N VAL A 131 -24.77 -24.27 -12.93
CA VAL A 131 -25.67 -23.89 -14.02
C VAL A 131 -26.53 -25.10 -14.42
N PRO A 132 -27.85 -24.91 -14.58
CA PRO A 132 -28.65 -26.00 -15.12
C PRO A 132 -28.02 -26.49 -16.43
N GLY A 133 -27.78 -27.80 -16.51
CA GLY A 133 -27.04 -28.34 -17.64
C GLY A 133 -27.30 -29.81 -17.91
N SER A 134 -26.46 -30.38 -18.78
CA SER A 134 -26.59 -31.78 -19.18
C SER A 134 -26.21 -32.76 -18.08
N ASP A 135 -25.43 -32.28 -17.11
CA ASP A 135 -24.90 -33.11 -16.02
C ASP A 135 -24.21 -34.36 -16.55
N GLY A 136 -23.24 -34.14 -17.43
CA GLY A 136 -22.54 -35.23 -18.09
C GLY A 136 -22.23 -34.87 -19.53
N PRO A 137 -21.35 -35.66 -20.18
CA PRO A 137 -20.96 -35.40 -21.57
C PRO A 137 -22.10 -35.65 -22.56
N LEU A 138 -22.13 -34.87 -23.63
CA LEU A 138 -23.09 -35.07 -24.71
C LEU A 138 -22.59 -36.16 -25.66
N GLY A 139 -23.50 -37.07 -26.04
CA GLY A 139 -23.18 -38.11 -27.00
C GLY A 139 -23.45 -37.68 -28.43
N ASP A 140 -23.59 -38.67 -29.31
CA ASP A 140 -23.80 -38.42 -30.75
C ASP A 140 -25.28 -38.50 -31.15
N ASP A 141 -26.14 -38.90 -30.20
CA ASP A 141 -27.57 -39.01 -30.42
C ASP A 141 -28.23 -37.64 -30.38
N MET A 142 -28.56 -37.11 -31.55
CA MET A 142 -29.12 -35.77 -31.67
C MET A 142 -30.57 -35.64 -31.20
N ASP A 143 -31.29 -36.76 -31.16
CA ASP A 143 -32.61 -36.79 -30.56
C ASP A 143 -32.49 -36.58 -29.05
N LYS A 144 -31.48 -37.19 -28.44
CA LYS A 144 -31.18 -36.99 -27.03
C LYS A 144 -30.67 -35.58 -26.75
N ASN A 145 -29.80 -35.06 -27.61
CA ASN A 145 -29.26 -33.71 -27.45
C ASN A 145 -30.31 -32.60 -27.59
N ARG A 146 -31.27 -32.79 -28.49
CA ARG A 146 -32.41 -31.87 -28.59
C ARG A 146 -33.32 -31.95 -27.35
N ALA A 147 -33.48 -33.15 -26.81
CA ALA A 147 -34.27 -33.35 -25.58
C ALA A 147 -33.63 -32.68 -24.37
N ILE A 148 -32.29 -32.74 -24.30
CA ILE A 148 -31.54 -32.06 -23.23
C ILE A 148 -31.70 -30.55 -23.34
N ALA A 149 -31.59 -30.02 -24.56
CA ALA A 149 -31.75 -28.59 -24.81
C ALA A 149 -33.16 -28.09 -24.50
N LYS A 150 -34.17 -28.94 -24.79
CA LYS A 150 -35.56 -28.62 -24.49
C LYS A 150 -35.80 -28.59 -22.97
N ARG A 151 -35.26 -29.59 -22.27
CA ARG A 151 -35.36 -29.69 -20.82
C ARG A 151 -34.71 -28.48 -20.13
N ILE A 152 -33.55 -28.07 -20.64
CA ILE A 152 -32.85 -26.89 -20.14
C ILE A 152 -33.56 -25.60 -20.55
N GLY A 153 -33.90 -25.50 -21.84
CA GLY A 153 -34.52 -24.30 -22.38
C GLY A 153 -33.50 -23.41 -23.08
N TYR A 154 -33.79 -23.04 -24.32
CA TYR A 154 -32.92 -22.15 -25.10
C TYR A 154 -32.97 -20.72 -24.56
N PRO A 155 -31.83 -19.99 -24.63
CA PRO A 155 -30.55 -20.38 -25.23
C PRO A 155 -29.70 -21.31 -24.35
N VAL A 156 -28.93 -22.17 -24.99
CA VAL A 156 -27.97 -23.03 -24.31
C VAL A 156 -26.56 -22.72 -24.81
N ILE A 157 -25.56 -23.21 -24.08
CA ILE A 157 -24.17 -23.08 -24.50
C ILE A 157 -23.49 -24.45 -24.52
N ILE A 158 -22.77 -24.73 -25.60
CA ILE A 158 -21.98 -25.94 -25.70
C ILE A 158 -20.56 -25.61 -25.27
N LYS A 159 -20.01 -26.40 -24.35
CA LYS A 159 -18.67 -26.17 -23.82
C LYS A 159 -17.81 -27.42 -23.87
N ALA A 160 -16.53 -27.24 -24.16
CA ALA A 160 -15.54 -28.32 -24.13
C ALA A 160 -15.14 -28.61 -22.69
N SER A 161 -15.11 -29.90 -22.34
CA SER A 161 -14.72 -30.33 -21.00
C SER A 161 -13.24 -30.03 -20.71
N GLY A 162 -12.41 -30.13 -21.75
CA GLY A 162 -10.98 -29.84 -21.63
C GLY A 162 -10.64 -28.38 -21.83
N GLY A 163 -11.66 -27.56 -22.05
CA GLY A 163 -11.51 -26.12 -22.22
C GLY A 163 -11.48 -25.37 -20.90
N GLY A 164 -11.78 -24.08 -20.96
CA GLY A 164 -11.75 -23.22 -19.78
C GLY A 164 -11.36 -21.80 -20.13
N GLY A 165 -11.78 -20.85 -19.28
CA GLY A 165 -11.51 -19.43 -19.49
C GLY A 165 -12.10 -18.87 -20.77
N GLY A 166 -13.18 -19.49 -21.25
CA GLY A 166 -13.85 -19.08 -22.47
C GLY A 166 -13.32 -19.68 -23.76
N ARG A 167 -12.50 -20.71 -23.62
CA ARG A 167 -11.94 -21.42 -24.78
C ARG A 167 -12.82 -22.60 -25.21
N GLY A 168 -13.19 -22.61 -26.49
CA GLY A 168 -13.97 -23.71 -27.08
C GLY A 168 -15.41 -23.78 -26.61
N MET A 169 -16.17 -22.72 -26.89
CA MET A 169 -17.59 -22.65 -26.53
C MET A 169 -18.41 -21.87 -27.56
N ARG A 170 -19.67 -22.27 -27.73
CA ARG A 170 -20.60 -21.53 -28.58
C ARG A 170 -22.05 -21.61 -28.14
N VAL A 171 -22.74 -20.48 -28.28
CA VAL A 171 -24.14 -20.33 -27.90
C VAL A 171 -25.05 -20.94 -28.96
N VAL A 172 -26.07 -21.66 -28.51
CA VAL A 172 -27.10 -22.23 -29.38
C VAL A 172 -28.46 -21.64 -28.98
N ARG A 173 -29.17 -21.07 -29.94
CA ARG A 173 -30.42 -20.39 -29.66
C ARG A 173 -31.66 -21.10 -30.23
N GLY A 174 -31.44 -22.19 -30.96
CA GLY A 174 -32.52 -23.00 -31.51
C GLY A 174 -32.06 -24.36 -31.99
N ASP A 175 -33.02 -25.25 -32.21
CA ASP A 175 -32.77 -26.62 -32.68
C ASP A 175 -31.98 -26.69 -33.99
N ALA A 176 -32.25 -25.74 -34.89
CA ALA A 176 -31.65 -25.72 -36.23
C ALA A 176 -30.13 -25.61 -36.23
N GLU A 177 -29.56 -25.06 -35.15
CA GLU A 177 -28.12 -24.85 -35.03
C GLU A 177 -27.44 -25.83 -34.09
N LEU A 178 -28.22 -26.64 -33.36
CA LEU A 178 -27.69 -27.50 -32.31
C LEU A 178 -26.70 -28.56 -32.82
N ALA A 179 -27.08 -29.28 -33.87
CA ALA A 179 -26.24 -30.35 -34.43
C ALA A 179 -24.87 -29.84 -34.85
N GLN A 180 -24.87 -28.83 -35.72
CA GLN A 180 -23.64 -28.22 -36.24
C GLN A 180 -22.79 -27.61 -35.14
N SER A 181 -23.45 -26.94 -34.19
CA SER A 181 -22.76 -26.30 -33.06
C SER A 181 -22.05 -27.30 -32.15
N ILE A 182 -22.70 -28.45 -31.92
CA ILE A 182 -22.10 -29.52 -31.13
C ILE A 182 -20.88 -30.11 -31.86
N SER A 183 -21.07 -30.41 -33.15
CA SER A 183 -20.01 -30.99 -33.99
C SER A 183 -18.76 -30.11 -34.07
N MET A 184 -18.98 -28.82 -34.27
CA MET A 184 -17.89 -27.84 -34.37
C MET A 184 -17.13 -27.67 -33.05
N THR A 185 -17.87 -27.55 -31.94
CA THR A 185 -17.25 -27.44 -30.63
C THR A 185 -16.40 -28.68 -30.34
N ARG A 186 -16.97 -29.85 -30.67
CA ARG A 186 -16.28 -31.14 -30.55
C ARG A 186 -14.98 -31.18 -31.37
N ALA A 187 -15.07 -30.75 -32.64
CA ALA A 187 -13.91 -30.73 -33.53
C ALA A 187 -12.82 -29.79 -33.06
N GLU A 188 -13.22 -28.61 -32.59
CA GLU A 188 -12.30 -27.61 -32.04
C GLU A 188 -11.62 -28.13 -30.76
N ALA A 189 -12.38 -28.83 -29.94
CA ALA A 189 -11.87 -29.41 -28.68
C ALA A 189 -10.87 -30.54 -28.95
N LYS A 190 -11.16 -31.36 -29.96
CA LYS A 190 -10.25 -32.44 -30.38
C LYS A 190 -8.93 -31.87 -30.91
N ALA A 191 -9.01 -30.82 -31.70
CA ALA A 191 -7.82 -30.18 -32.29
C ALA A 191 -6.99 -29.43 -31.24
N ALA A 192 -7.66 -28.83 -30.25
CA ALA A 192 -6.98 -27.99 -29.27
C ALA A 192 -6.54 -28.72 -28.00
N PHE A 193 -7.34 -29.68 -27.54
CA PHE A 193 -7.10 -30.33 -26.25
C PHE A 193 -6.90 -31.85 -26.32
N SER A 194 -6.96 -32.41 -27.53
CA SER A 194 -6.99 -33.88 -27.74
C SER A 194 -8.05 -34.56 -26.86
N ASN A 195 -9.14 -33.83 -26.64
CA ASN A 195 -10.27 -34.29 -25.84
C ASN A 195 -11.53 -33.70 -26.46
N ASP A 196 -12.33 -34.56 -27.09
CA ASP A 196 -13.51 -34.09 -27.82
C ASP A 196 -14.79 -34.03 -26.99
N MET A 197 -14.67 -34.29 -25.69
CA MET A 197 -15.81 -34.27 -24.77
C MET A 197 -16.41 -32.87 -24.62
N VAL A 198 -17.72 -32.78 -24.84
CA VAL A 198 -18.45 -31.52 -24.69
C VAL A 198 -19.67 -31.67 -23.76
N TYR A 199 -20.12 -30.56 -23.19
CA TYR A 199 -21.32 -30.57 -22.36
C TYR A 199 -22.21 -29.36 -22.66
N MET A 200 -23.39 -29.33 -22.03
CA MET A 200 -24.36 -28.28 -22.28
C MET A 200 -24.76 -27.59 -20.97
N GLU A 201 -24.94 -26.28 -21.05
CA GLU A 201 -25.45 -25.48 -19.93
C GLU A 201 -26.48 -24.49 -20.44
N LYS A 202 -27.40 -24.10 -19.55
CA LYS A 202 -28.27 -22.95 -19.80
C LYS A 202 -27.38 -21.75 -20.05
N TYR A 203 -27.60 -21.06 -21.16
CA TYR A 203 -26.83 -19.85 -21.43
C TYR A 203 -27.43 -18.66 -20.69
N LEU A 204 -26.62 -18.06 -19.82
CA LEU A 204 -27.02 -16.85 -19.12
C LEU A 204 -26.61 -15.64 -19.95
N GLU A 205 -27.59 -14.79 -20.27
CA GLU A 205 -27.43 -13.71 -21.25
C GLU A 205 -26.57 -12.55 -20.75
N ASN A 206 -26.82 -12.09 -19.53
CA ASN A 206 -26.11 -10.93 -18.99
C ASN A 206 -25.65 -11.11 -17.52
N PRO A 207 -24.79 -12.13 -17.27
CA PRO A 207 -24.35 -12.34 -15.90
C PRO A 207 -23.14 -11.47 -15.54
N ARG A 208 -22.82 -11.42 -14.25
CA ARG A 208 -21.57 -10.87 -13.78
C ARG A 208 -20.64 -12.02 -13.46
N HIS A 209 -19.34 -11.82 -13.64
CA HIS A 209 -18.34 -12.83 -13.35
C HIS A 209 -17.80 -12.60 -11.94
N VAL A 210 -18.25 -13.44 -11.00
CA VAL A 210 -17.91 -13.31 -9.59
C VAL A 210 -17.25 -14.60 -9.11
N GLU A 211 -16.05 -14.48 -8.56
CA GLU A 211 -15.28 -15.64 -8.12
C GLU A 211 -14.89 -15.58 -6.64
N ILE A 212 -14.88 -16.75 -6.00
CA ILE A 212 -14.55 -16.86 -4.58
C ILE A 212 -13.12 -17.36 -4.39
N GLN A 213 -12.34 -16.63 -3.60
CA GLN A 213 -10.99 -17.05 -3.23
C GLN A 213 -11.05 -18.01 -2.05
N VAL A 214 -10.37 -19.14 -2.17
CA VAL A 214 -10.23 -20.07 -1.06
C VAL A 214 -8.77 -20.36 -0.71
N LEU A 215 -8.56 -20.78 0.54
CA LEU A 215 -7.28 -21.35 0.99
C LEU A 215 -7.58 -22.59 1.81
N ALA A 216 -6.81 -23.65 1.58
CA ALA A 216 -6.93 -24.87 2.36
C ALA A 216 -5.55 -25.44 2.68
N ASP A 217 -5.37 -25.89 3.92
CA ASP A 217 -4.08 -26.47 4.33
C ASP A 217 -4.13 -27.99 4.40
N GLY A 218 -3.05 -28.60 4.91
CA GLY A 218 -2.98 -30.05 5.08
C GLY A 218 -3.46 -30.52 6.44
N GLN A 219 -3.91 -29.58 7.26
CA GLN A 219 -4.44 -29.89 8.59
C GLN A 219 -5.97 -29.97 8.63
N GLY A 220 -6.60 -29.79 7.47
CA GLY A 220 -8.05 -29.89 7.36
C GLY A 220 -8.79 -28.57 7.43
N ASN A 221 -8.03 -27.47 7.50
CA ASN A 221 -8.63 -26.13 7.53
C ASN A 221 -8.87 -25.62 6.11
N ALA A 222 -10.06 -25.11 5.87
CA ALA A 222 -10.42 -24.53 4.57
C ALA A 222 -11.25 -23.27 4.78
N ILE A 223 -10.76 -22.15 4.26
CA ILE A 223 -11.42 -20.86 4.45
C ILE A 223 -11.73 -20.18 3.13
N TYR A 224 -12.73 -19.31 3.14
CA TYR A 224 -13.04 -18.46 2.00
C TYR A 224 -12.67 -17.01 2.31
N LEU A 225 -12.18 -16.31 1.29
CA LEU A 225 -11.67 -14.95 1.44
C LEU A 225 -12.43 -14.00 0.53
N ALA A 226 -13.74 -13.94 0.75
CA ALA A 226 -14.65 -13.10 -0.01
C ALA A 226 -14.59 -13.38 -1.52
N GLU A 227 -15.05 -12.41 -2.30
CA GLU A 227 -15.20 -12.60 -3.74
C GLU A 227 -14.52 -11.50 -4.52
N ARG A 228 -14.41 -11.72 -5.83
CA ARG A 228 -13.91 -10.73 -6.76
C ARG A 228 -14.88 -10.61 -7.92
N ASP A 229 -15.15 -9.38 -8.33
CA ASP A 229 -15.92 -9.12 -9.55
C ASP A 229 -14.95 -8.90 -10.69
N CYS A 230 -15.03 -9.75 -11.70
CA CYS A 230 -14.11 -9.74 -12.83
C CYS A 230 -14.84 -9.52 -14.15
N SER A 231 -16.01 -8.89 -14.07
CA SER A 231 -16.90 -8.69 -15.22
C SER A 231 -16.36 -7.72 -16.26
N MET A 232 -15.55 -6.75 -15.83
CA MET A 232 -14.97 -5.77 -16.75
C MET A 232 -13.89 -6.44 -17.59
N GLN A 233 -14.30 -6.95 -18.75
CA GLN A 233 -13.45 -7.78 -19.58
C GLN A 233 -13.73 -7.57 -21.07
N ARG A 234 -12.80 -8.03 -21.91
CA ARG A 234 -12.96 -7.99 -23.35
C ARG A 234 -12.49 -9.30 -23.94
N ARG A 235 -13.40 -9.99 -24.62
CA ARG A 235 -13.12 -11.25 -25.34
C ARG A 235 -12.40 -12.29 -24.49
N HIS A 236 -12.96 -12.53 -23.30
CA HIS A 236 -12.44 -13.51 -22.33
C HIS A 236 -11.11 -13.11 -21.69
N GLN A 237 -10.79 -11.82 -21.75
CA GLN A 237 -9.60 -11.28 -21.09
C GLN A 237 -10.01 -10.22 -20.09
N LYS A 238 -9.77 -10.48 -18.81
CA LYS A 238 -10.07 -9.52 -17.75
C LYS A 238 -9.28 -8.23 -17.94
N VAL A 239 -9.91 -7.11 -17.63
CA VAL A 239 -9.30 -5.78 -17.79
C VAL A 239 -9.22 -5.09 -16.44
N VAL A 240 -10.35 -5.08 -15.73
CA VAL A 240 -10.44 -4.55 -14.38
C VAL A 240 -11.06 -5.61 -13.47
N GLU A 241 -10.48 -5.80 -12.29
CA GLU A 241 -11.07 -6.65 -11.26
C GLU A 241 -11.23 -5.85 -9.97
N GLU A 242 -12.23 -6.20 -9.18
CA GLU A 242 -12.44 -5.54 -7.89
C GLU A 242 -12.93 -6.48 -6.80
N ALA A 243 -12.65 -6.10 -5.55
CA ALA A 243 -13.11 -6.84 -4.37
C ALA A 243 -13.48 -5.87 -3.24
N PRO A 244 -14.61 -6.11 -2.56
CA PRO A 244 -15.61 -7.15 -2.85
C PRO A 244 -16.45 -6.78 -4.08
N ALA A 245 -17.35 -7.66 -4.49
CA ALA A 245 -18.23 -7.38 -5.62
C ALA A 245 -19.38 -6.46 -5.18
N PRO A 246 -19.60 -5.35 -5.91
CA PRO A 246 -20.67 -4.41 -5.57
C PRO A 246 -22.05 -5.08 -5.52
N GLY A 247 -22.83 -4.75 -4.50
CA GLY A 247 -24.17 -5.30 -4.35
C GLY A 247 -24.23 -6.63 -3.61
N ILE A 248 -23.09 -7.27 -3.42
CA ILE A 248 -23.03 -8.52 -2.66
C ILE A 248 -23.08 -8.21 -1.16
N THR A 249 -24.12 -8.73 -0.52
CA THR A 249 -24.34 -8.55 0.90
C THR A 249 -23.47 -9.52 1.71
N PRO A 250 -23.21 -9.19 2.99
CA PRO A 250 -22.54 -10.15 3.87
C PRO A 250 -23.26 -11.51 3.91
N GLU A 251 -24.60 -11.49 3.80
CA GLU A 251 -25.42 -12.72 3.82
C GLU A 251 -25.15 -13.62 2.62
N LEU A 252 -25.12 -13.02 1.42
CA LEU A 252 -24.78 -13.76 0.20
C LEU A 252 -23.35 -14.28 0.22
N ARG A 253 -22.42 -13.42 0.66
CA ARG A 253 -20.99 -13.77 0.75
C ARG A 253 -20.80 -14.99 1.64
N ARG A 254 -21.42 -14.94 2.82
CA ARG A 254 -21.44 -16.04 3.76
C ARG A 254 -22.04 -17.29 3.13
N TYR A 255 -23.19 -17.14 2.47
CA TYR A 255 -23.88 -18.26 1.83
C TYR A 255 -22.99 -19.01 0.84
N ILE A 256 -22.44 -18.29 -0.13
CA ILE A 256 -21.66 -18.91 -1.20
C ILE A 256 -20.25 -19.33 -0.74
N GLY A 257 -19.67 -18.53 0.16
CA GLY A 257 -18.35 -18.81 0.71
C GLY A 257 -18.30 -20.11 1.50
N GLU A 258 -19.26 -20.30 2.40
CA GLU A 258 -19.37 -21.52 3.20
C GLU A 258 -19.51 -22.77 2.34
N ARG A 259 -20.23 -22.65 1.23
CA ARG A 259 -20.41 -23.75 0.29
C ARG A 259 -19.14 -24.11 -0.48
N CYS A 260 -18.33 -23.09 -0.79
CA CYS A 260 -17.03 -23.30 -1.42
C CYS A 260 -16.03 -23.96 -0.48
N ALA A 261 -16.00 -23.51 0.78
CA ALA A 261 -15.11 -24.07 1.79
C ALA A 261 -15.48 -25.52 2.13
N LYS A 262 -16.78 -25.80 2.17
CA LYS A 262 -17.28 -27.16 2.39
C LYS A 262 -16.87 -28.08 1.25
N ALA A 263 -16.96 -27.57 0.02
CA ALA A 263 -16.51 -28.30 -1.17
C ALA A 263 -15.01 -28.65 -1.10
N CYS A 264 -14.19 -27.70 -0.64
CA CYS A 264 -12.77 -27.93 -0.43
C CYS A 264 -12.49 -29.10 0.50
N VAL A 265 -13.25 -29.18 1.60
CA VAL A 265 -13.14 -30.27 2.56
C VAL A 265 -13.52 -31.60 1.92
N ASP A 266 -14.64 -31.61 1.21
CA ASP A 266 -15.16 -32.80 0.52
C ASP A 266 -14.15 -33.40 -0.48
N ILE A 267 -13.48 -32.54 -1.25
CA ILE A 267 -12.58 -33.00 -2.31
C ILE A 267 -11.13 -33.14 -1.86
N GLY A 268 -10.86 -32.77 -0.60
CA GLY A 268 -9.51 -32.78 -0.07
C GLY A 268 -8.60 -31.78 -0.77
N TYR A 269 -9.12 -30.56 -0.97
CA TYR A 269 -8.36 -29.50 -1.63
C TYR A 269 -7.21 -29.01 -0.75
N ARG A 270 -6.13 -28.57 -1.40
CA ARG A 270 -4.98 -28.01 -0.71
C ARG A 270 -4.41 -26.83 -1.50
N GLY A 271 -4.07 -25.76 -0.78
CA GLY A 271 -3.49 -24.56 -1.38
C GLY A 271 -4.51 -23.48 -1.67
N ALA A 272 -4.10 -22.50 -2.46
CA ALA A 272 -5.00 -21.47 -2.95
C ALA A 272 -5.86 -22.04 -4.07
N GLY A 273 -7.07 -21.53 -4.19
CA GLY A 273 -7.99 -21.93 -5.26
C GLY A 273 -9.03 -20.86 -5.52
N THR A 274 -9.64 -20.91 -6.68
CA THR A 274 -10.70 -19.97 -7.05
C THR A 274 -11.91 -20.67 -7.65
N PHE A 275 -13.06 -20.49 -7.00
CA PHE A 275 -14.33 -20.96 -7.54
C PHE A 275 -14.93 -19.85 -8.39
N GLU A 276 -15.03 -20.08 -9.70
CA GLU A 276 -15.66 -19.12 -10.61
C GLU A 276 -17.16 -19.34 -10.69
N PHE A 277 -17.91 -18.23 -10.57
CA PHE A 277 -19.36 -18.27 -10.65
C PHE A 277 -19.89 -17.29 -11.68
N LEU A 278 -21.06 -17.60 -12.21
CA LEU A 278 -21.89 -16.60 -12.87
C LEU A 278 -22.85 -16.07 -11.81
N PHE A 279 -22.97 -14.75 -11.75
CA PHE A 279 -23.89 -14.12 -10.82
C PHE A 279 -24.95 -13.33 -11.60
N GLU A 280 -26.20 -13.78 -11.49
CA GLU A 280 -27.32 -13.17 -12.20
C GLU A 280 -28.58 -13.32 -11.35
N ASN A 281 -29.32 -12.22 -11.23
CA ASN A 281 -30.57 -12.17 -10.44
C ASN A 281 -30.40 -12.66 -9.00
N GLY A 282 -29.32 -12.20 -8.36
CA GLY A 282 -29.03 -12.55 -6.96
C GLY A 282 -28.67 -14.01 -6.71
N GLU A 283 -28.35 -14.73 -7.79
CA GLU A 283 -28.07 -16.16 -7.73
C GLU A 283 -26.66 -16.47 -8.22
N PHE A 284 -26.00 -17.44 -7.58
CA PHE A 284 -24.69 -17.93 -8.03
C PHE A 284 -24.81 -19.23 -8.82
N TYR A 285 -23.98 -19.36 -9.85
CA TYR A 285 -23.91 -20.57 -10.66
C TYR A 285 -22.45 -20.89 -10.98
N PHE A 286 -21.96 -22.00 -10.43
CA PHE A 286 -20.58 -22.44 -10.64
C PHE A 286 -20.34 -22.87 -12.08
N ILE A 287 -19.24 -22.39 -12.65
CA ILE A 287 -18.84 -22.80 -14.00
C ILE A 287 -17.53 -23.59 -14.04
N GLU A 288 -16.54 -23.14 -13.26
CA GLU A 288 -15.22 -23.77 -13.24
C GLU A 288 -14.38 -23.35 -12.05
N MET A 289 -13.40 -24.18 -11.71
CA MET A 289 -12.49 -23.88 -10.62
C MET A 289 -11.04 -23.78 -11.12
N ASN A 290 -10.34 -22.76 -10.63
CA ASN A 290 -8.91 -22.60 -10.89
C ASN A 290 -8.12 -23.01 -9.66
N THR A 291 -7.06 -23.79 -9.87
CA THR A 291 -6.27 -24.32 -8.75
C THR A 291 -5.06 -23.46 -8.43
N ARG A 292 -4.69 -22.60 -9.39
CA ARG A 292 -3.54 -21.72 -9.26
C ARG A 292 -3.87 -20.47 -8.45
N ILE A 293 -2.83 -19.76 -8.03
CA ILE A 293 -2.98 -18.36 -7.65
C ILE A 293 -3.18 -17.58 -8.94
N GLN A 294 -4.02 -16.55 -8.90
CA GLN A 294 -4.41 -15.87 -10.13
C GLN A 294 -3.86 -14.45 -10.24
N VAL A 295 -3.90 -13.91 -11.46
CA VAL A 295 -3.50 -12.53 -11.74
C VAL A 295 -4.10 -11.57 -10.71
N GLU A 296 -5.41 -11.71 -10.49
CA GLU A 296 -6.19 -10.73 -9.73
C GLU A 296 -6.21 -10.96 -8.22
N HIS A 297 -5.31 -11.80 -7.72
CA HIS A 297 -5.24 -12.11 -6.29
C HIS A 297 -4.98 -10.90 -5.36
N PRO A 298 -4.23 -9.87 -5.83
CA PRO A 298 -3.97 -8.71 -4.96
C PRO A 298 -5.18 -7.95 -4.41
N VAL A 299 -6.30 -7.89 -5.15
CA VAL A 299 -7.48 -7.19 -4.62
C VAL A 299 -8.05 -7.90 -3.38
N THR A 300 -7.98 -9.22 -3.37
CA THR A 300 -8.40 -10.01 -2.21
C THR A 300 -7.49 -9.74 -1.01
N GLU A 301 -6.18 -9.64 -1.27
CA GLU A 301 -5.19 -9.31 -0.25
C GLU A 301 -5.45 -7.96 0.43
N MET A 302 -5.85 -6.96 -0.37
CA MET A 302 -6.06 -5.60 0.13
C MET A 302 -7.24 -5.51 1.11
N ILE A 303 -8.30 -6.25 0.84
CA ILE A 303 -9.52 -6.18 1.65
C ILE A 303 -9.56 -7.14 2.84
N THR A 304 -8.65 -8.11 2.85
CA THR A 304 -8.59 -9.10 3.94
C THR A 304 -7.33 -8.98 4.79
N GLY A 305 -6.28 -8.41 4.22
CA GLY A 305 -4.98 -8.31 4.89
C GLY A 305 -4.13 -9.55 4.77
N VAL A 306 -4.67 -10.57 4.09
CA VAL A 306 -4.00 -11.87 3.98
C VAL A 306 -3.07 -11.90 2.76
N ASP A 307 -1.79 -12.21 3.01
CA ASP A 307 -0.82 -12.40 1.95
C ASP A 307 -0.97 -13.81 1.40
N LEU A 308 -1.57 -13.90 0.21
CA LEU A 308 -1.97 -15.18 -0.36
C LEU A 308 -0.80 -16.06 -0.83
N ILE A 309 0.24 -15.43 -1.38
CA ILE A 309 1.42 -16.15 -1.83
C ILE A 309 2.18 -16.75 -0.64
N LYS A 310 2.31 -15.97 0.42
CA LYS A 310 2.94 -16.45 1.66
C LYS A 310 2.14 -17.62 2.26
N GLU A 311 0.81 -17.55 2.18
CA GLU A 311 -0.03 -18.66 2.61
C GLU A 311 0.22 -19.93 1.80
N GLN A 312 0.34 -19.78 0.48
CA GLN A 312 0.70 -20.90 -0.40
C GLN A 312 1.98 -21.58 0.06
N LEU A 313 3.01 -20.78 0.35
CA LEU A 313 4.31 -21.28 0.75
C LEU A 313 4.28 -21.95 2.12
N ARG A 314 3.51 -21.36 3.04
CA ARG A 314 3.31 -21.93 4.37
C ARG A 314 2.59 -23.28 4.29
N ILE A 315 1.53 -23.35 3.49
CA ILE A 315 0.77 -24.59 3.26
C ILE A 315 1.68 -25.70 2.72
N ALA A 316 2.50 -25.37 1.73
CA ALA A 316 3.41 -26.31 1.10
C ALA A 316 4.48 -26.83 2.08
N ALA A 317 4.89 -25.97 3.01
CA ALA A 317 5.87 -26.34 4.04
C ALA A 317 5.28 -27.22 5.13
N GLY A 318 3.96 -27.36 5.15
CA GLY A 318 3.27 -28.18 6.14
C GLY A 318 2.74 -27.40 7.33
N GLN A 319 2.68 -26.08 7.18
CA GLN A 319 2.14 -25.20 8.22
C GLN A 319 0.63 -25.02 8.04
N PRO A 320 -0.10 -24.81 9.15
CA PRO A 320 -1.53 -24.52 9.05
C PRO A 320 -1.77 -23.09 8.54
N LEU A 321 -2.99 -22.81 8.12
CA LEU A 321 -3.38 -21.46 7.73
C LEU A 321 -3.14 -20.50 8.90
N SER A 322 -2.56 -19.34 8.60
CA SER A 322 -2.22 -18.37 9.64
C SER A 322 -3.45 -17.66 10.22
N ILE A 323 -4.58 -17.77 9.53
CA ILE A 323 -5.85 -17.18 9.98
C ILE A 323 -7.01 -18.17 9.95
N LYS A 324 -7.97 -17.96 10.86
CA LYS A 324 -9.20 -18.73 10.89
C LYS A 324 -10.30 -17.95 10.16
N GLN A 325 -11.43 -18.62 9.90
CA GLN A 325 -12.55 -17.98 9.19
C GLN A 325 -13.12 -16.77 9.93
N GLU A 326 -13.29 -16.90 11.25
CA GLU A 326 -13.81 -15.81 12.08
C GLU A 326 -12.83 -14.63 12.18
N GLU A 327 -11.59 -14.86 11.76
CA GLU A 327 -10.57 -13.80 11.70
C GLU A 327 -10.53 -13.11 10.33
N VAL A 328 -11.22 -13.70 9.35
CA VAL A 328 -11.31 -13.12 8.01
C VAL A 328 -12.44 -12.09 7.96
N HIS A 329 -12.08 -10.83 7.73
CA HIS A 329 -13.05 -9.74 7.65
C HIS A 329 -12.83 -8.90 6.39
N VAL A 330 -13.91 -8.66 5.66
CA VAL A 330 -13.88 -7.73 4.53
C VAL A 330 -13.83 -6.31 5.05
N ARG A 331 -12.78 -5.59 4.67
CA ARG A 331 -12.62 -4.19 5.05
C ARG A 331 -12.23 -3.38 3.82
N GLY A 332 -12.99 -2.31 3.56
CA GLY A 332 -12.72 -1.42 2.45
C GLY A 332 -12.96 -2.04 1.09
N HIS A 333 -12.30 -1.49 0.07
CA HIS A 333 -12.52 -1.88 -1.30
C HIS A 333 -11.24 -1.73 -2.13
N ALA A 334 -11.02 -2.67 -3.03
CA ALA A 334 -9.83 -2.65 -3.89
C ALA A 334 -10.21 -2.82 -5.36
N VAL A 335 -9.53 -2.06 -6.22
CA VAL A 335 -9.71 -2.15 -7.66
C VAL A 335 -8.35 -2.43 -8.31
N GLU A 336 -8.32 -3.34 -9.28
CA GLU A 336 -7.10 -3.63 -10.04
C GLU A 336 -7.27 -3.28 -11.51
N CYS A 337 -6.35 -2.49 -12.02
CA CYS A 337 -6.25 -2.24 -13.46
C CYS A 337 -5.06 -2.97 -14.02
N ARG A 338 -5.31 -3.91 -14.94
CA ARG A 338 -4.23 -4.60 -15.65
C ARG A 338 -3.60 -3.64 -16.66
N ILE A 339 -2.28 -3.56 -16.63
CA ILE A 339 -1.54 -2.72 -17.57
C ILE A 339 -0.94 -3.60 -18.66
N ASN A 340 -1.36 -3.36 -19.90
CA ASN A 340 -0.96 -4.19 -21.05
C ASN A 340 -0.12 -3.38 -22.03
N ALA A 341 0.97 -3.98 -22.51
CA ALA A 341 1.70 -3.44 -23.65
C ALA A 341 0.94 -3.87 -24.91
N GLU A 342 0.02 -3.02 -25.35
CA GLU A 342 -0.87 -3.33 -26.46
C GLU A 342 -1.23 -2.09 -27.27
N ASP A 343 -1.55 -2.30 -28.54
CA ASP A 343 -2.01 -1.23 -29.42
C ASP A 343 -3.48 -0.90 -29.12
N PRO A 344 -3.80 0.39 -28.95
CA PRO A 344 -5.16 0.83 -28.62
C PRO A 344 -6.22 0.53 -29.70
N ASN A 345 -5.78 0.41 -30.95
CA ASN A 345 -6.69 0.22 -32.07
C ASN A 345 -6.92 -1.24 -32.45
N THR A 346 -5.88 -2.06 -32.31
CA THR A 346 -5.94 -3.48 -32.70
C THR A 346 -6.08 -4.43 -31.50
N PHE A 347 -5.62 -3.96 -30.33
CA PHE A 347 -5.54 -4.76 -29.11
C PHE A 347 -4.50 -5.92 -29.19
N LEU A 348 -3.68 -5.89 -30.23
CA LEU A 348 -2.57 -6.82 -30.37
C LEU A 348 -1.42 -6.39 -29.45
N PRO A 349 -0.63 -7.36 -28.95
CA PRO A 349 0.52 -7.02 -28.11
C PRO A 349 1.43 -6.03 -28.82
N SER A 350 1.95 -5.05 -28.07
CA SER A 350 2.86 -4.06 -28.62
C SER A 350 4.18 -4.06 -27.85
N PRO A 351 5.10 -4.98 -28.21
CA PRO A 351 6.39 -5.09 -27.53
C PRO A 351 7.33 -3.94 -27.92
N GLY A 352 8.43 -3.80 -27.17
CA GLY A 352 9.41 -2.76 -27.43
C GLY A 352 10.14 -2.33 -26.17
N LYS A 353 11.01 -1.33 -26.31
CA LYS A 353 11.82 -0.85 -25.19
C LYS A 353 11.16 0.33 -24.49
N ILE A 354 11.04 0.22 -23.17
CA ILE A 354 10.54 1.32 -22.35
C ILE A 354 11.67 2.33 -22.14
N THR A 355 11.43 3.57 -22.56
CA THR A 355 12.44 4.62 -22.53
C THR A 355 12.33 5.51 -21.28
N ARG A 356 11.10 5.69 -20.80
CA ARG A 356 10.87 6.42 -19.55
C ARG A 356 9.82 5.69 -18.74
N PHE A 357 10.10 5.48 -17.46
CA PHE A 357 9.16 4.85 -16.56
C PHE A 357 9.02 5.57 -15.23
N HIS A 358 7.78 5.73 -14.79
CA HIS A 358 7.50 6.22 -13.45
C HIS A 358 6.26 5.55 -12.87
N ALA A 359 6.42 5.03 -11.66
CA ALA A 359 5.34 4.35 -10.96
C ALA A 359 4.58 5.33 -10.08
N PRO A 360 3.26 5.13 -9.93
CA PRO A 360 2.50 5.95 -8.99
C PRO A 360 2.79 5.54 -7.55
N GLY A 361 2.49 6.43 -6.61
CA GLY A 361 2.66 6.13 -5.19
C GLY A 361 1.52 6.72 -4.39
N GLY A 362 1.63 6.65 -3.07
CA GLY A 362 0.62 7.23 -2.18
C GLY A 362 -0.10 6.20 -1.34
N PHE A 363 -0.97 6.72 -0.47
CA PHE A 363 -1.76 5.90 0.46
C PHE A 363 -2.74 5.03 -0.33
N GLY A 364 -2.68 3.72 -0.09
CA GLY A 364 -3.58 2.78 -0.75
C GLY A 364 -3.22 2.41 -2.18
N VAL A 365 -2.04 2.83 -2.64
CA VAL A 365 -1.59 2.56 -4.01
C VAL A 365 -0.56 1.42 -4.01
N ARG A 366 -0.86 0.37 -4.77
CA ARG A 366 0.02 -0.79 -4.89
C ARG A 366 0.36 -1.06 -6.35
N TRP A 367 1.65 -1.06 -6.66
CA TRP A 367 2.14 -1.27 -8.02
C TRP A 367 2.85 -2.62 -8.12
N GLU A 368 2.33 -3.50 -8.97
CA GLU A 368 2.87 -4.84 -9.15
C GLU A 368 3.42 -4.99 -10.57
N SER A 369 4.72 -4.79 -10.72
CA SER A 369 5.35 -4.88 -12.04
C SER A 369 6.86 -5.04 -12.00
N HIS A 370 7.37 -5.78 -12.97
CA HIS A 370 8.80 -6.00 -13.16
C HIS A 370 9.46 -4.92 -14.02
N ILE A 371 8.65 -4.11 -14.71
CA ILE A 371 9.17 -3.16 -15.69
C ILE A 371 9.98 -2.02 -15.05
N TYR A 372 10.92 -1.50 -15.82
CA TYR A 372 11.76 -0.37 -15.40
C TYR A 372 12.22 0.43 -16.63
N ALA A 373 12.78 1.60 -16.40
CA ALA A 373 13.31 2.42 -17.49
C ALA A 373 14.50 1.72 -18.16
N GLY A 374 14.38 1.46 -19.46
CA GLY A 374 15.40 0.76 -20.22
C GLY A 374 15.06 -0.70 -20.47
N TYR A 375 13.99 -1.18 -19.85
CA TYR A 375 13.54 -2.57 -20.02
C TYR A 375 12.82 -2.77 -21.35
N THR A 376 13.18 -3.85 -22.04
CA THR A 376 12.55 -4.24 -23.28
C THR A 376 11.52 -5.33 -23.04
N VAL A 377 10.27 -5.05 -23.41
CA VAL A 377 9.20 -6.03 -23.36
C VAL A 377 9.36 -6.97 -24.57
N PRO A 378 9.60 -8.27 -24.31
CA PRO A 378 9.78 -9.24 -25.40
C PRO A 378 8.46 -9.58 -26.10
N PRO A 379 8.53 -9.93 -27.40
CA PRO A 379 7.32 -10.30 -28.15
C PRO A 379 6.79 -11.72 -27.89
N TYR A 380 7.54 -12.53 -27.15
CA TYR A 380 7.28 -13.96 -27.07
C TYR A 380 6.21 -14.37 -26.04
N TYR A 381 5.83 -13.43 -25.18
CA TYR A 381 4.96 -13.73 -24.04
C TYR A 381 3.71 -12.84 -23.97
N ASP A 382 2.94 -12.98 -22.90
CA ASP A 382 1.70 -12.23 -22.69
C ASP A 382 1.93 -10.71 -22.66
N SER A 383 0.89 -9.96 -23.01
CA SER A 383 0.98 -8.51 -23.14
C SER A 383 0.96 -7.75 -21.82
N MET A 384 0.46 -8.39 -20.76
CA MET A 384 0.36 -7.76 -19.45
C MET A 384 1.72 -7.55 -18.81
N ILE A 385 2.06 -6.30 -18.55
CA ILE A 385 3.38 -5.93 -18.04
C ILE A 385 3.33 -5.42 -16.61
N GLY A 386 2.12 -5.15 -16.13
CA GLY A 386 1.95 -4.58 -14.80
C GLY A 386 0.54 -4.62 -14.28
N LYS A 387 0.41 -4.42 -12.97
CA LYS A 387 -0.88 -4.36 -12.29
C LYS A 387 -0.87 -3.18 -11.34
N LEU A 388 -1.85 -2.30 -11.51
CA LEU A 388 -2.06 -1.19 -10.59
C LEU A 388 -3.26 -1.51 -9.71
N ILE A 389 -3.02 -1.57 -8.40
CA ILE A 389 -4.05 -1.90 -7.43
C ILE A 389 -4.23 -0.75 -6.44
N CYS A 390 -5.45 -0.25 -6.34
CA CYS A 390 -5.75 0.83 -5.40
C CYS A 390 -6.81 0.43 -4.39
N TYR A 391 -6.52 0.72 -3.12
CA TYR A 391 -7.42 0.40 -2.02
C TYR A 391 -7.97 1.68 -1.37
N GLY A 392 -9.21 1.61 -0.91
CA GLY A 392 -9.82 2.68 -0.14
C GLY A 392 -10.78 2.15 0.91
N GLU A 393 -11.20 3.01 1.82
CA GLU A 393 -12.19 2.66 2.85
C GLU A 393 -13.56 2.32 2.23
N ASN A 394 -13.80 2.84 1.02
CA ASN A 394 -14.95 2.45 0.22
C ASN A 394 -14.60 2.40 -1.27
N ARG A 395 -15.54 1.91 -2.09
CA ARG A 395 -15.35 1.78 -3.54
C ARG A 395 -15.01 3.12 -4.22
N ASP A 396 -15.72 4.18 -3.83
CA ASP A 396 -15.51 5.50 -4.41
C ASP A 396 -14.09 6.04 -4.19
N VAL A 397 -13.57 5.83 -2.98
CA VAL A 397 -12.19 6.22 -2.66
C VAL A 397 -11.16 5.38 -3.45
N ALA A 398 -11.44 4.08 -3.57
CA ALA A 398 -10.59 3.17 -4.36
C ALA A 398 -10.50 3.62 -5.82
N ILE A 399 -11.64 3.97 -6.41
CA ILE A 399 -11.71 4.47 -7.79
C ILE A 399 -11.01 5.83 -7.95
N ALA A 400 -11.25 6.75 -7.00
CA ALA A 400 -10.61 8.06 -7.00
C ALA A 400 -9.09 7.95 -6.95
N ARG A 401 -8.59 7.03 -6.12
CA ARG A 401 -7.15 6.79 -6.01
C ARG A 401 -6.56 6.18 -7.28
N MET A 402 -7.34 5.31 -7.92
CA MET A 402 -6.94 4.70 -9.19
C MET A 402 -6.79 5.75 -10.30
N LYS A 403 -7.72 6.69 -10.35
CA LYS A 403 -7.67 7.80 -11.32
C LYS A 403 -6.39 8.61 -11.14
N ASN A 404 -6.07 8.97 -9.90
CA ASN A 404 -4.85 9.70 -9.58
C ASN A 404 -3.60 8.90 -9.93
N ALA A 405 -3.61 7.61 -9.57
CA ALA A 405 -2.48 6.72 -9.81
C ALA A 405 -2.19 6.52 -11.31
N LEU A 406 -3.26 6.32 -12.09
CA LEU A 406 -3.13 6.15 -13.53
C LEU A 406 -2.54 7.39 -14.21
N GLN A 407 -2.85 8.57 -13.67
CA GLN A 407 -2.33 9.83 -14.19
C GLN A 407 -0.84 10.05 -13.85
N GLU A 408 -0.38 9.41 -12.78
CA GLU A 408 1.04 9.48 -12.40
C GLU A 408 1.89 8.46 -13.17
N LEU A 409 1.26 7.38 -13.60
CA LEU A 409 1.93 6.30 -14.31
C LEU A 409 2.45 6.75 -15.67
N ILE A 410 3.76 6.68 -15.84
CA ILE A 410 4.41 7.00 -17.10
C ILE A 410 5.07 5.75 -17.65
N ILE A 411 4.65 5.34 -18.85
CA ILE A 411 5.31 4.28 -19.60
C ILE A 411 5.47 4.73 -21.04
N ASP A 412 6.65 5.26 -21.36
CA ASP A 412 6.95 5.76 -22.70
C ASP A 412 7.79 4.75 -23.49
N GLY A 413 7.71 4.85 -24.82
CA GLY A 413 8.48 3.99 -25.71
C GLY A 413 7.67 2.83 -26.28
N ILE A 414 6.60 2.47 -25.58
CA ILE A 414 5.68 1.42 -26.01
C ILE A 414 4.23 1.89 -25.86
N LYS A 415 3.33 1.27 -26.61
CA LYS A 415 1.90 1.55 -26.52
C LYS A 415 1.30 0.76 -25.37
N THR A 416 0.46 1.41 -24.56
CA THR A 416 -0.20 0.76 -23.42
C THR A 416 -1.71 1.03 -23.39
N ASN A 417 -2.39 0.35 -22.48
CA ASN A 417 -3.83 0.54 -22.26
C ASN A 417 -4.15 1.50 -21.11
N VAL A 418 -3.18 2.32 -20.72
CA VAL A 418 -3.37 3.28 -19.61
C VAL A 418 -4.51 4.25 -19.88
N ASP A 419 -4.57 4.78 -21.11
CA ASP A 419 -5.64 5.69 -21.51
C ASP A 419 -7.02 5.03 -21.47
N LEU A 420 -7.09 3.76 -21.87
CA LEU A 420 -8.33 3.00 -21.80
C LEU A 420 -8.78 2.81 -20.34
N GLN A 421 -7.83 2.43 -19.48
CA GLN A 421 -8.11 2.25 -18.05
C GLN A 421 -8.66 3.53 -17.41
N ILE A 422 -8.09 4.68 -17.79
CA ILE A 422 -8.58 5.99 -17.35
C ILE A 422 -10.03 6.24 -17.80
N ARG A 423 -10.33 5.87 -19.05
CA ARG A 423 -11.70 5.96 -19.59
C ARG A 423 -12.69 5.10 -18.81
N ILE A 424 -12.24 3.92 -18.36
CA ILE A 424 -13.10 3.01 -17.60
C ILE A 424 -13.39 3.57 -16.20
N MET A 425 -12.36 4.10 -15.55
CA MET A 425 -12.51 4.74 -14.23
C MET A 425 -13.47 5.92 -14.27
N ASN A 426 -13.49 6.64 -15.39
CA ASN A 426 -14.36 7.79 -15.60
C ASN A 426 -15.76 7.44 -16.15
N ASP A 427 -15.99 6.15 -16.40
CA ASP A 427 -17.26 5.66 -16.93
C ASP A 427 -18.34 5.70 -15.84
N GLU A 428 -19.45 6.38 -16.12
CA GLU A 428 -20.52 6.56 -15.14
C GLU A 428 -21.18 5.24 -14.70
N ASN A 429 -21.28 4.30 -15.63
CA ASN A 429 -21.86 2.99 -15.33
C ASN A 429 -20.96 2.16 -14.42
N PHE A 430 -19.65 2.17 -14.71
CA PHE A 430 -18.65 1.57 -13.82
C PHE A 430 -18.66 2.24 -12.45
N GLN A 431 -18.77 3.57 -12.43
CA GLN A 431 -18.80 4.33 -11.18
C GLN A 431 -20.03 3.99 -10.33
N HIS A 432 -21.15 3.72 -10.99
CA HIS A 432 -22.34 3.19 -10.32
C HIS A 432 -22.08 1.76 -9.82
N GLY A 433 -21.40 0.97 -10.64
CA GLY A 433 -21.04 -0.40 -10.29
C GLY A 433 -22.06 -1.43 -10.74
N GLY A 434 -21.62 -2.69 -10.80
CA GLY A 434 -22.50 -3.81 -11.12
C GLY A 434 -22.76 -4.07 -12.58
N THR A 435 -21.90 -3.52 -13.45
CA THR A 435 -22.01 -3.78 -14.89
C THR A 435 -21.67 -5.24 -15.20
N ASN A 436 -22.31 -5.78 -16.23
CA ASN A 436 -22.15 -7.20 -16.58
C ASN A 436 -20.94 -7.49 -17.46
N ILE A 437 -20.74 -8.75 -17.79
CA ILE A 437 -19.56 -9.21 -18.56
C ILE A 437 -19.47 -8.62 -19.96
N HIS A 438 -20.59 -8.17 -20.50
CA HIS A 438 -20.65 -7.66 -21.87
C HIS A 438 -20.46 -6.15 -21.97
N TYR A 439 -20.41 -5.45 -20.83
CA TYR A 439 -20.41 -4.00 -20.84
C TYR A 439 -19.26 -3.34 -21.62
N LEU A 440 -18.02 -3.76 -21.38
CA LEU A 440 -16.86 -3.10 -21.99
C LEU A 440 -16.88 -3.16 -23.52
N GLU A 441 -17.18 -4.33 -24.07
CA GLU A 441 -17.24 -4.51 -25.53
C GLU A 441 -18.32 -3.65 -26.17
N LYS A 442 -19.45 -3.48 -25.48
CA LYS A 442 -20.52 -2.59 -25.92
C LYS A 442 -20.09 -1.12 -25.88
N LYS A 443 -19.40 -0.73 -24.80
CA LYS A 443 -18.86 0.63 -24.64
C LYS A 443 -17.88 0.98 -25.77
N LEU A 444 -16.98 0.04 -26.06
CA LEU A 444 -15.98 0.22 -27.12
C LEU A 444 -16.61 0.23 -28.52
N GLY A 445 -17.70 -0.49 -28.67
CA GLY A 445 -18.44 -0.54 -29.94
C GLY A 445 -19.17 0.76 -30.26
N LEU A 446 -19.60 1.47 -29.21
CA LEU A 446 -20.28 2.75 -29.37
C LEU A 446 -19.29 3.91 -29.48
N GLN A 447 -19.61 4.96 -30.03
N MET B 1 -17.00 21.24 1.08
CA MET B 1 -15.62 20.93 0.59
C MET B 1 -14.98 22.13 -0.08
N LEU B 2 -13.67 22.27 0.07
CA LEU B 2 -12.91 23.40 -0.46
C LEU B 2 -12.81 23.33 -1.99
N ASP B 3 -13.09 24.45 -2.65
CA ASP B 3 -13.05 24.50 -4.11
C ASP B 3 -11.62 24.41 -4.64
N LYS B 4 -10.74 25.22 -4.06
CA LYS B 4 -9.38 25.39 -4.55
C LYS B 4 -8.46 25.77 -3.40
N ILE B 5 -7.32 25.10 -3.30
CA ILE B 5 -6.35 25.41 -2.25
C ILE B 5 -4.95 25.65 -2.79
N VAL B 6 -4.19 26.48 -2.07
CA VAL B 6 -2.77 26.65 -2.32
C VAL B 6 -2.00 25.70 -1.43
N ILE B 7 -1.11 24.91 -2.03
CA ILE B 7 -0.21 24.06 -1.27
C ILE B 7 1.08 24.85 -1.02
N ALA B 8 1.16 25.43 0.17
CA ALA B 8 2.29 26.29 0.55
C ALA B 8 3.45 25.46 1.09
N ASN B 9 3.99 24.60 0.23
CA ASN B 9 5.11 23.74 0.57
C ASN B 9 5.70 23.13 -0.70
N ARG B 10 6.61 22.18 -0.54
CA ARG B 10 7.34 21.57 -1.65
C ARG B 10 7.61 20.10 -1.38
N GLY B 11 8.31 19.44 -2.30
CA GLY B 11 8.79 18.09 -2.10
C GLY B 11 7.70 17.03 -1.91
N GLU B 12 7.99 16.07 -1.05
CA GLU B 12 7.08 14.93 -0.86
C GLU B 12 5.75 15.31 -0.22
N ILE B 13 5.77 16.25 0.72
CA ILE B 13 4.55 16.64 1.43
C ILE B 13 3.58 17.40 0.54
N ALA B 14 4.12 18.20 -0.37
CA ALA B 14 3.31 18.91 -1.34
C ALA B 14 2.61 17.93 -2.27
N LEU B 15 3.33 16.87 -2.66
CA LEU B 15 2.76 15.79 -3.46
C LEU B 15 1.72 15.00 -2.68
N ARG B 16 2.01 14.73 -1.41
CA ARG B 16 1.07 14.09 -0.50
C ARG B 16 -0.25 14.86 -0.43
N ILE B 17 -0.15 16.17 -0.24
CA ILE B 17 -1.32 17.04 -0.14
C ILE B 17 -2.09 17.10 -1.47
N LEU B 18 -1.36 17.23 -2.57
CA LEU B 18 -1.99 17.21 -3.90
C LEU B 18 -2.84 15.96 -4.14
N ARG B 19 -2.32 14.79 -3.80
CA ARG B 19 -3.05 13.53 -3.99
C ARG B 19 -4.36 13.51 -3.20
N ALA B 20 -4.30 13.97 -1.94
CA ALA B 20 -5.49 14.08 -1.09
C ALA B 20 -6.52 15.05 -1.67
N CYS B 21 -6.04 16.18 -2.19
CA CYS B 21 -6.91 17.17 -2.85
C CYS B 21 -7.61 16.57 -4.06
N LYS B 22 -6.85 15.91 -4.92
CA LYS B 22 -7.39 15.27 -6.12
C LYS B 22 -8.45 14.22 -5.81
N GLU B 23 -8.23 13.46 -4.74
CA GLU B 23 -9.18 12.46 -4.27
C GLU B 23 -10.51 13.08 -3.83
N LEU B 24 -10.44 14.30 -3.30
CA LEU B 24 -11.63 14.99 -2.79
C LEU B 24 -12.22 15.97 -3.81
N GLY B 25 -11.61 16.05 -4.99
CA GLY B 25 -12.06 16.96 -6.04
C GLY B 25 -11.70 18.41 -5.79
N ILE B 26 -10.67 18.64 -4.97
CA ILE B 26 -10.21 19.98 -4.64
C ILE B 26 -9.16 20.42 -5.67
N LYS B 27 -9.39 21.57 -6.29
CA LYS B 27 -8.44 22.13 -7.26
C LYS B 27 -7.15 22.57 -6.56
N THR B 28 -6.01 22.34 -7.20
CA THR B 28 -4.73 22.64 -6.58
C THR B 28 -4.01 23.82 -7.24
N VAL B 29 -3.43 24.65 -6.39
CA VAL B 29 -2.53 25.70 -6.82
C VAL B 29 -1.17 25.37 -6.22
N ALA B 30 -0.19 25.11 -7.08
CA ALA B 30 1.17 24.84 -6.62
C ALA B 30 2.02 26.10 -6.69
N VAL B 31 2.32 26.66 -5.53
CA VAL B 31 3.30 27.75 -5.44
C VAL B 31 4.69 27.14 -5.32
N HIS B 32 5.64 27.68 -6.07
CA HIS B 32 6.98 27.12 -6.12
C HIS B 32 8.05 28.19 -6.34
N SER B 33 9.26 27.91 -5.87
CA SER B 33 10.41 28.74 -6.19
C SER B 33 10.82 28.48 -7.64
N SER B 34 11.66 29.37 -8.18
CA SER B 34 12.22 29.22 -9.53
C SER B 34 12.98 27.90 -9.69
N ALA B 35 13.56 27.41 -8.60
CA ALA B 35 14.34 26.18 -8.61
C ALA B 35 13.50 24.90 -8.56
N ASP B 36 12.22 25.06 -8.20
CA ASP B 36 11.32 23.93 -7.99
C ASP B 36 10.27 23.78 -9.10
N ARG B 37 10.55 24.36 -10.27
CA ARG B 37 9.65 24.31 -11.42
C ARG B 37 9.34 22.87 -11.87
N ASP B 38 10.28 21.96 -11.64
CA ASP B 38 10.18 20.58 -12.10
C ASP B 38 9.80 19.58 -11.01
N LEU B 39 9.34 20.08 -9.86
CA LEU B 39 8.79 19.21 -8.81
C LEU B 39 7.62 18.42 -9.36
N LYS B 40 7.51 17.15 -8.95
CA LYS B 40 6.44 16.27 -9.42
C LYS B 40 5.03 16.87 -9.21
N HIS B 41 4.78 17.38 -8.01
CA HIS B 41 3.46 17.95 -7.70
C HIS B 41 3.15 19.22 -8.49
N VAL B 42 4.18 20.02 -8.76
CA VAL B 42 4.05 21.21 -9.61
C VAL B 42 3.57 20.80 -11.01
N LEU B 43 4.18 19.75 -11.54
CA LEU B 43 3.82 19.22 -12.87
C LEU B 43 2.44 18.58 -12.89
N LEU B 44 1.95 18.14 -11.73
CA LEU B 44 0.64 17.50 -11.62
C LEU B 44 -0.48 18.46 -11.20
N ALA B 45 -0.11 19.65 -10.74
CA ALA B 45 -1.07 20.63 -10.22
C ALA B 45 -1.95 21.25 -11.30
N ASP B 46 -3.15 21.68 -10.90
CA ASP B 46 -4.10 22.33 -11.81
C ASP B 46 -3.61 23.70 -12.25
N GLU B 47 -3.02 24.43 -11.31
CA GLU B 47 -2.45 25.75 -11.56
C GLU B 47 -1.11 25.88 -10.85
N THR B 48 -0.21 26.67 -11.43
CA THR B 48 1.10 26.90 -10.83
C THR B 48 1.43 28.39 -10.79
N VAL B 49 2.09 28.80 -9.72
CA VAL B 49 2.58 30.18 -9.57
C VAL B 49 4.02 30.15 -9.07
N CYS B 50 4.92 30.83 -9.76
CA CYS B 50 6.28 31.04 -9.25
C CYS B 50 6.25 32.21 -8.26
N ILE B 51 6.63 31.93 -7.02
CA ILE B 51 6.50 32.91 -5.94
C ILE B 51 7.83 33.56 -5.53
N GLY B 52 8.89 33.26 -6.26
CA GLY B 52 10.19 33.88 -6.02
C GLY B 52 11.37 33.00 -6.38
N PRO B 53 12.61 33.54 -6.21
CA PRO B 53 13.83 32.80 -6.49
C PRO B 53 14.06 31.64 -5.49
N ALA B 54 15.16 30.92 -5.67
CA ALA B 54 15.45 29.70 -4.91
C ALA B 54 15.39 29.78 -3.37
N PRO B 55 16.11 30.76 -2.75
CA PRO B 55 16.15 30.74 -1.29
C PRO B 55 14.76 30.81 -0.67
N SER B 56 14.54 30.01 0.38
CA SER B 56 13.22 29.91 1.01
C SER B 56 12.69 31.25 1.54
N VAL B 57 13.59 32.09 2.03
CA VAL B 57 13.24 33.44 2.50
C VAL B 57 12.59 34.27 1.39
N LYS B 58 12.92 33.97 0.14
CA LYS B 58 12.43 34.69 -1.02
C LYS B 58 11.20 34.05 -1.64
N SER B 59 10.92 32.81 -1.24
CA SER B 59 9.81 32.05 -1.83
C SER B 59 8.88 31.43 -0.79
N TYR B 60 9.24 30.27 -0.26
CA TYR B 60 8.36 29.49 0.63
C TYR B 60 8.10 30.12 1.99
N LEU B 61 8.92 31.10 2.37
CA LEU B 61 8.71 31.85 3.61
C LEU B 61 8.25 33.27 3.34
N ASN B 62 8.01 33.58 2.08
CA ASN B 62 7.58 34.90 1.62
C ASN B 62 6.06 35.01 1.72
N ILE B 63 5.59 35.49 2.87
CA ILE B 63 4.15 35.58 3.16
C ILE B 63 3.35 36.39 2.12
N PRO B 64 3.78 37.65 1.84
CA PRO B 64 3.07 38.42 0.80
C PRO B 64 2.96 37.72 -0.55
N ALA B 65 4.03 37.05 -0.99
CA ALA B 65 4.03 36.31 -2.26
C ALA B 65 3.04 35.14 -2.26
N ILE B 66 2.98 34.42 -1.14
CA ILE B 66 2.07 33.28 -1.02
C ILE B 66 0.61 33.74 -0.97
N ILE B 67 0.34 34.78 -0.18
CA ILE B 67 -1.00 35.38 -0.10
C ILE B 67 -1.44 35.92 -1.46
N SER B 68 -0.53 36.63 -2.13
CA SER B 68 -0.78 37.16 -3.47
C SER B 68 -1.17 36.06 -4.44
N ALA B 69 -0.43 34.94 -4.41
CA ALA B 69 -0.69 33.80 -5.29
C ALA B 69 -2.06 33.17 -5.02
N ALA B 70 -2.43 33.09 -3.75
CA ALA B 70 -3.73 32.58 -3.34
C ALA B 70 -4.88 33.48 -3.81
N GLU B 71 -4.61 34.79 -3.85
CA GLU B 71 -5.57 35.79 -4.30
C GLU B 71 -5.80 35.76 -5.82
N ILE B 72 -4.71 35.81 -6.59
CA ILE B 72 -4.80 35.84 -8.07
C ILE B 72 -5.45 34.57 -8.65
N THR B 73 -5.21 33.42 -8.04
CA THR B 73 -5.75 32.14 -8.52
C THR B 73 -7.18 31.86 -8.03
N GLY B 74 -7.67 32.68 -7.11
CA GLY B 74 -9.01 32.52 -6.56
C GLY B 74 -9.18 31.34 -5.61
N ALA B 75 -8.11 31.00 -4.90
CA ALA B 75 -8.14 29.92 -3.90
C ALA B 75 -8.95 30.32 -2.66
N VAL B 76 -9.38 29.34 -1.88
CA VAL B 76 -10.14 29.60 -0.65
C VAL B 76 -9.40 29.17 0.62
N ALA B 77 -8.36 28.36 0.45
CA ALA B 77 -7.62 27.81 1.59
C ALA B 77 -6.13 27.63 1.29
N ILE B 78 -5.33 27.55 2.34
CA ILE B 78 -3.89 27.33 2.23
C ILE B 78 -3.42 26.22 3.17
N HIS B 79 -2.78 25.21 2.60
CA HIS B 79 -2.16 24.14 3.40
C HIS B 79 -0.67 24.41 3.54
N PRO B 80 -0.21 24.65 4.77
CA PRO B 80 1.20 24.98 5.01
C PRO B 80 2.12 23.76 5.09
N GLY B 81 1.53 22.56 5.11
CA GLY B 81 2.29 21.31 5.23
C GLY B 81 2.99 21.23 6.57
N TYR B 82 4.26 20.81 6.54
CA TYR B 82 5.12 20.86 7.71
C TYR B 82 6.36 21.70 7.40
N GLY B 83 7.06 22.13 8.44
CA GLY B 83 8.19 23.05 8.29
C GLY B 83 7.70 24.39 7.78
N PHE B 84 8.61 25.16 7.18
CA PHE B 84 8.31 26.47 6.61
C PHE B 84 7.41 27.34 7.52
N LEU B 85 6.19 27.60 7.08
CA LEU B 85 5.27 28.52 7.79
C LEU B 85 4.14 27.85 8.56
N SER B 86 4.20 26.52 8.69
CA SER B 86 3.13 25.74 9.33
C SER B 86 2.91 26.07 10.81
N GLU B 87 3.97 26.47 11.50
CA GLU B 87 3.87 26.83 12.91
C GLU B 87 4.16 28.31 13.14
N ASN B 88 4.08 29.08 12.05
CA ASN B 88 4.17 30.53 12.09
C ASN B 88 2.77 31.10 12.36
N ALA B 89 2.54 31.55 13.60
CA ALA B 89 1.24 32.06 14.04
C ALA B 89 0.83 33.33 13.31
N ASN B 90 1.80 34.19 13.00
CA ASN B 90 1.55 35.42 12.24
C ASN B 90 1.07 35.13 10.83
N PHE B 91 1.60 34.05 10.23
CA PHE B 91 1.12 33.61 8.92
C PHE B 91 -0.32 33.13 8.99
N ALA B 92 -0.62 32.25 9.95
CA ALA B 92 -1.97 31.72 10.14
C ALA B 92 -2.99 32.84 10.34
N GLU B 93 -2.61 33.83 11.15
CA GLU B 93 -3.43 35.01 11.41
C GLU B 93 -3.68 35.80 10.13
N GLN B 94 -2.62 36.05 9.36
CA GLN B 94 -2.70 36.79 8.11
C GLN B 94 -3.56 36.09 7.06
N VAL B 95 -3.42 34.77 6.96
CA VAL B 95 -4.25 33.95 6.07
C VAL B 95 -5.74 34.16 6.35
N GLU B 96 -6.11 34.08 7.63
CA GLU B 96 -7.50 34.25 8.04
C GLU B 96 -8.01 35.69 7.87
N ARG B 97 -7.14 36.66 8.18
CA ARG B 97 -7.47 38.08 7.99
C ARG B 97 -7.66 38.44 6.52
N SER B 98 -6.90 37.77 5.65
CA SER B 98 -7.03 37.94 4.20
C SER B 98 -8.26 37.20 3.64
N GLY B 99 -8.99 36.51 4.50
CA GLY B 99 -10.25 35.87 4.13
C GLY B 99 -10.13 34.43 3.66
N PHE B 100 -8.96 33.83 3.85
CA PHE B 100 -8.72 32.43 3.49
C PHE B 100 -8.91 31.52 4.69
N ILE B 101 -9.19 30.25 4.41
CA ILE B 101 -9.14 29.22 5.44
C ILE B 101 -7.70 28.76 5.60
N PHE B 102 -7.23 28.73 6.85
CA PHE B 102 -5.91 28.17 7.16
C PHE B 102 -6.10 26.72 7.57
N ILE B 103 -5.45 25.81 6.85
CA ILE B 103 -5.55 24.38 7.15
C ILE B 103 -4.61 24.06 8.30
N GLY B 104 -5.13 24.24 9.51
CA GLY B 104 -4.37 24.12 10.74
C GLY B 104 -5.15 24.74 11.89
N PRO B 105 -4.51 24.92 13.04
CA PRO B 105 -5.22 25.45 14.21
C PRO B 105 -5.46 26.95 14.09
N LYS B 106 -6.22 27.50 15.04
CA LYS B 106 -6.35 28.94 15.18
C LYS B 106 -4.98 29.53 15.54
N ALA B 107 -4.72 30.75 15.09
CA ALA B 107 -3.44 31.41 15.30
C ALA B 107 -3.01 31.46 16.77
N GLU B 108 -3.96 31.70 17.67
CA GLU B 108 -3.67 31.80 19.10
C GLU B 108 -3.32 30.46 19.73
N THR B 109 -3.83 29.38 19.14
CA THR B 109 -3.47 28.03 19.56
C THR B 109 -2.03 27.71 19.17
N ILE B 110 -1.66 28.15 17.96
CA ILE B 110 -0.30 27.97 17.46
C ILE B 110 0.72 28.65 18.39
N ARG B 111 0.46 29.88 18.79
CA ARG B 111 1.39 30.57 19.69
C ARG B 111 1.34 30.09 21.14
N LEU B 112 0.17 29.61 21.58
CA LEU B 112 0.04 28.97 22.89
C LEU B 112 0.92 27.72 22.99
N MET B 113 0.82 26.85 22.00
CA MET B 113 1.58 25.60 21.99
C MET B 113 2.98 25.76 21.38
N GLY B 114 3.19 26.86 20.67
CA GLY B 114 4.49 27.19 20.09
C GLY B 114 5.48 27.63 21.14
N ASP B 115 5.00 28.41 22.11
CA ASP B 115 5.79 28.76 23.29
C ASP B 115 5.75 27.60 24.28
N LYS B 116 6.90 27.02 24.55
CA LYS B 116 6.98 25.77 25.32
C LYS B 116 6.52 25.88 26.78
N VAL B 117 6.80 27.02 27.41
CA VAL B 117 6.39 27.26 28.80
C VAL B 117 4.86 27.31 28.96
N SER B 118 4.22 28.13 28.11
CA SER B 118 2.76 28.23 28.10
C SER B 118 2.09 26.92 27.69
N ALA B 119 2.73 26.21 26.76
CA ALA B 119 2.24 24.89 26.30
C ALA B 119 2.19 23.89 27.44
N ILE B 120 3.29 23.79 28.20
CA ILE B 120 3.39 22.88 29.35
C ILE B 120 2.37 23.25 30.44
N ALA B 121 2.23 24.55 30.71
CA ALA B 121 1.25 25.06 31.66
C ALA B 121 -0.18 24.66 31.29
N ALA B 122 -0.50 24.78 30.00
CA ALA B 122 -1.81 24.40 29.48
C ALA B 122 -2.07 22.90 29.62
N MET B 123 -1.02 22.10 29.38
CA MET B 123 -1.12 20.64 29.43
C MET B 123 -1.24 20.11 30.86
N LYS B 124 -0.48 20.69 31.78
CA LYS B 124 -0.55 20.32 33.19
C LYS B 124 -1.97 20.60 33.72
N LYS B 125 -2.50 21.77 33.36
CA LYS B 125 -3.86 22.18 33.71
C LYS B 125 -4.91 21.21 33.19
N ALA B 126 -4.72 20.74 31.95
CA ALA B 126 -5.68 19.84 31.29
C ALA B 126 -5.66 18.41 31.81
N GLY B 127 -4.60 18.05 32.53
CA GLY B 127 -4.47 16.71 33.11
C GLY B 127 -3.49 15.81 32.36
N VAL B 128 -2.72 16.40 31.46
CA VAL B 128 -1.68 15.69 30.71
C VAL B 128 -0.40 15.69 31.56
N PRO B 129 0.16 14.49 31.83
CA PRO B 129 1.38 14.40 32.63
C PRO B 129 2.57 15.05 31.93
N CYS B 130 3.28 15.91 32.65
CA CYS B 130 4.44 16.61 32.14
C CYS B 130 5.68 16.22 32.95
N VAL B 131 6.86 16.59 32.44
CA VAL B 131 8.11 16.35 33.14
C VAL B 131 8.17 17.21 34.40
N PRO B 132 8.48 16.60 35.56
CA PRO B 132 8.71 17.39 36.77
C PRO B 132 9.69 18.52 36.47
N GLY B 133 9.28 19.75 36.77
CA GLY B 133 10.09 20.92 36.41
C GLY B 133 9.74 22.21 37.14
N SER B 134 10.22 23.31 36.57
CA SER B 134 10.07 24.64 37.17
C SER B 134 8.63 25.16 37.16
N ASP B 135 7.84 24.69 36.19
CA ASP B 135 6.46 25.14 35.99
C ASP B 135 6.37 26.64 35.78
N GLY B 136 7.21 27.14 34.87
CA GLY B 136 7.32 28.56 34.58
C GLY B 136 8.73 28.93 34.18
N PRO B 137 8.93 30.17 33.68
CA PRO B 137 10.26 30.65 33.29
C PRO B 137 11.19 30.78 34.50
N LEU B 138 12.49 30.63 34.25
CA LEU B 138 13.49 30.76 35.30
C LEU B 138 13.92 32.22 35.46
N GLY B 139 13.99 32.67 36.71
CA GLY B 139 14.41 34.04 37.02
C GLY B 139 15.91 34.16 37.16
N ASP B 140 16.33 35.27 37.76
CA ASP B 140 17.76 35.55 37.98
C ASP B 140 18.19 35.22 39.41
N ASP B 141 17.23 34.82 40.25
CA ASP B 141 17.52 34.45 41.63
C ASP B 141 18.21 33.09 41.69
N MET B 142 19.40 33.08 42.28
CA MET B 142 20.25 31.90 42.35
C MET B 142 19.68 30.81 43.26
N ASP B 143 19.16 31.22 44.42
CA ASP B 143 18.61 30.30 45.41
C ASP B 143 17.35 29.60 44.92
N LYS B 144 16.48 30.35 44.26
CA LYS B 144 15.23 29.80 43.71
C LYS B 144 15.49 28.77 42.61
N ASN B 145 16.39 29.10 41.69
CA ASN B 145 16.79 28.19 40.62
C ASN B 145 17.47 26.92 41.13
N ARG B 146 18.22 27.06 42.23
CA ARG B 146 18.93 25.96 42.85
C ARG B 146 18.00 25.05 43.64
N ALA B 147 16.95 25.64 44.22
CA ALA B 147 15.95 24.89 44.99
C ALA B 147 15.06 24.03 44.09
N ILE B 148 14.77 24.54 42.89
CA ILE B 148 14.00 23.80 41.89
C ILE B 148 14.75 22.54 41.47
N ALA B 149 16.06 22.68 41.22
CA ALA B 149 16.93 21.57 40.86
C ALA B 149 17.04 20.51 41.96
N LYS B 150 17.00 20.96 43.21
CA LYS B 150 17.06 20.06 44.37
C LYS B 150 15.74 19.31 44.59
N ARG B 151 14.63 20.01 44.38
CA ARG B 151 13.29 19.42 44.47
C ARG B 151 13.09 18.38 43.37
N ILE B 152 13.52 18.73 42.16
CA ILE B 152 13.48 17.83 41.01
C ILE B 152 14.42 16.65 41.20
N GLY B 153 15.66 16.96 41.57
CA GLY B 153 16.72 15.96 41.67
C GLY B 153 17.51 15.89 40.38
N TYR B 154 18.83 16.02 40.50
CA TYR B 154 19.74 15.97 39.36
C TYR B 154 19.76 14.59 38.69
N PRO B 155 20.04 14.54 37.37
CA PRO B 155 20.34 15.68 36.49
C PRO B 155 19.09 16.42 36.01
N VAL B 156 19.27 17.71 35.70
CA VAL B 156 18.20 18.54 35.15
C VAL B 156 18.59 19.07 33.76
N ILE B 157 17.62 19.62 33.04
CA ILE B 157 17.88 20.21 31.74
C ILE B 157 17.29 21.62 31.62
N ILE B 158 18.06 22.54 31.06
CA ILE B 158 17.61 23.89 30.79
C ILE B 158 17.20 23.99 29.33
N LYS B 159 15.95 24.41 29.09
CA LYS B 159 15.42 24.48 27.74
C LYS B 159 14.94 25.88 27.36
N ALA B 160 15.15 26.24 26.10
CA ALA B 160 14.65 27.49 25.55
C ALA B 160 13.15 27.39 25.24
N SER B 161 12.39 28.38 25.69
CA SER B 161 10.93 28.38 25.54
C SER B 161 10.49 28.59 24.08
N GLY B 162 11.15 29.51 23.39
CA GLY B 162 10.86 29.78 21.99
C GLY B 162 11.76 29.01 21.03
N GLY B 163 12.43 27.99 21.56
CA GLY B 163 13.39 27.21 20.80
C GLY B 163 12.92 25.81 20.40
N GLY B 164 13.76 25.13 19.62
CA GLY B 164 13.50 23.78 19.15
C GLY B 164 14.77 23.12 18.65
N GLY B 165 14.70 21.81 18.44
CA GLY B 165 15.87 21.03 18.02
C GLY B 165 16.93 20.97 19.11
N GLY B 166 18.19 21.00 18.69
CA GLY B 166 19.33 20.94 19.61
C GLY B 166 19.75 22.27 20.20
N ARG B 167 19.26 23.35 19.61
CA ARG B 167 19.58 24.71 20.06
C ARG B 167 18.79 25.08 21.32
N GLY B 168 19.49 25.64 22.29
CA GLY B 168 18.88 26.07 23.56
C GLY B 168 18.54 24.91 24.47
N MET B 169 19.44 23.95 24.55
CA MET B 169 19.30 22.80 25.45
C MET B 169 20.63 22.44 26.10
N ARG B 170 20.65 22.45 27.42
CA ARG B 170 21.85 22.10 28.19
C ARG B 170 21.54 21.24 29.41
N VAL B 171 22.25 20.13 29.53
CA VAL B 171 22.09 19.20 30.65
C VAL B 171 22.98 19.64 31.81
N VAL B 172 22.38 19.77 32.99
CA VAL B 172 23.09 20.16 34.21
C VAL B 172 23.10 18.99 35.19
N ARG B 173 24.30 18.65 35.69
CA ARG B 173 24.47 17.49 36.56
C ARG B 173 24.94 17.87 37.97
N GLY B 174 25.25 19.14 38.18
CA GLY B 174 25.68 19.65 39.48
C GLY B 174 25.31 21.10 39.72
N ASP B 175 25.38 21.52 40.99
CA ASP B 175 25.07 22.90 41.37
C ASP B 175 26.11 23.90 40.89
N ALA B 176 27.35 23.45 40.76
CA ALA B 176 28.46 24.29 40.30
C ALA B 176 28.33 24.67 38.82
N GLU B 177 27.74 23.77 38.04
CA GLU B 177 27.56 23.98 36.60
C GLU B 177 26.23 24.66 36.28
N LEU B 178 25.38 24.83 37.28
CA LEU B 178 24.04 25.39 37.11
C LEU B 178 24.04 26.87 36.73
N ALA B 179 24.93 27.64 37.35
CA ALA B 179 25.03 29.08 37.11
C ALA B 179 25.42 29.40 35.67
N GLN B 180 26.43 28.71 35.16
CA GLN B 180 26.95 28.93 33.81
C GLN B 180 25.99 28.46 32.73
N SER B 181 25.25 27.40 33.02
CA SER B 181 24.34 26.77 32.05
C SER B 181 23.10 27.62 31.74
N ILE B 182 22.49 28.18 32.79
CA ILE B 182 21.29 29.01 32.65
C ILE B 182 21.59 30.28 31.84
N SER B 183 22.76 30.87 32.07
CA SER B 183 23.18 32.08 31.37
C SER B 183 23.51 31.84 29.89
N MET B 184 24.16 30.70 29.61
CA MET B 184 24.55 30.34 28.24
C MET B 184 23.36 29.91 27.38
N THR B 185 22.40 29.21 28.00
CA THR B 185 21.18 28.79 27.32
C THR B 185 20.29 29.99 27.01
N ARG B 186 20.26 30.94 27.94
CA ARG B 186 19.51 32.19 27.76
C ARG B 186 20.10 33.03 26.62
N ALA B 187 21.44 33.09 26.56
CA ALA B 187 22.15 33.86 25.54
C ALA B 187 21.97 33.28 24.14
N GLU B 188 22.01 31.95 24.04
CA GLU B 188 21.84 31.27 22.76
C GLU B 188 20.40 31.32 22.26
N ALA B 189 19.45 31.34 23.18
CA ALA B 189 18.03 31.40 22.86
C ALA B 189 17.61 32.77 22.32
N LYS B 190 18.24 33.82 22.85
CA LYS B 190 17.98 35.19 22.41
C LYS B 190 18.59 35.45 21.03
N ALA B 191 19.74 34.83 20.77
CA ALA B 191 20.44 34.99 19.51
C ALA B 191 19.77 34.26 18.35
N ALA B 192 19.23 33.07 18.65
CA ALA B 192 18.64 32.20 17.62
C ALA B 192 17.14 32.38 17.44
N PHE B 193 16.42 32.63 18.54
CA PHE B 193 14.95 32.64 18.52
C PHE B 193 14.33 33.97 18.95
N SER B 194 15.18 34.97 19.21
CA SER B 194 14.76 36.31 19.67
C SER B 194 13.94 36.26 20.96
N ASN B 195 14.13 35.19 21.72
CA ASN B 195 13.41 34.95 22.96
C ASN B 195 14.35 34.33 23.99
N ASP B 196 14.63 35.07 25.06
CA ASP B 196 15.61 34.66 26.07
C ASP B 196 15.01 33.83 27.21
N MET B 197 13.74 33.49 27.10
CA MET B 197 13.05 32.73 28.13
C MET B 197 13.53 31.27 28.19
N VAL B 198 13.93 30.85 29.38
CA VAL B 198 14.33 29.45 29.61
C VAL B 198 13.57 28.85 30.78
N TYR B 199 13.42 27.52 30.75
CA TYR B 199 12.79 26.78 31.83
C TYR B 199 13.59 25.54 32.20
N MET B 200 13.22 24.90 33.30
CA MET B 200 13.91 23.70 33.77
C MET B 200 12.96 22.52 33.93
N GLU B 201 13.45 21.35 33.57
CA GLU B 201 12.75 20.09 33.85
C GLU B 201 13.76 18.99 34.20
N LYS B 202 13.27 17.90 34.79
CA LYS B 202 14.10 16.74 35.10
C LYS B 202 14.62 16.09 33.83
N TYR B 203 15.94 15.90 33.76
CA TYR B 203 16.53 15.26 32.59
C TYR B 203 16.39 13.74 32.68
N LEU B 204 15.61 13.18 31.76
CA LEU B 204 15.47 11.73 31.65
C LEU B 204 16.60 11.19 30.79
N GLU B 205 17.40 10.29 31.38
CA GLU B 205 18.67 9.84 30.81
C GLU B 205 18.52 9.03 29.53
N ASN B 206 17.62 8.03 29.56
CA ASN B 206 17.44 7.11 28.44
C ASN B 206 15.97 6.90 28.07
N PRO B 207 15.28 7.98 27.65
CA PRO B 207 13.86 7.83 27.39
C PRO B 207 13.61 7.36 25.95
N ARG B 208 12.36 6.97 25.68
CA ARG B 208 11.90 6.75 24.32
C ARG B 208 11.08 7.96 23.89
N HIS B 209 11.12 8.27 22.60
CA HIS B 209 10.34 9.36 22.05
C HIS B 209 9.06 8.80 21.45
N VAL B 210 7.97 8.97 22.20
CA VAL B 210 6.66 8.44 21.82
C VAL B 210 5.68 9.61 21.69
N GLU B 211 4.97 9.66 20.57
CA GLU B 211 4.06 10.77 20.31
C GLU B 211 2.65 10.31 19.95
N ILE B 212 1.66 11.10 20.37
CA ILE B 212 0.25 10.79 20.14
C ILE B 212 -0.33 11.65 19.02
N GLN B 213 -0.88 10.98 18.01
CA GLN B 213 -1.58 11.67 16.93
C GLN B 213 -3.00 12.02 17.37
N VAL B 214 -3.39 13.26 17.14
CA VAL B 214 -4.77 13.69 17.39
C VAL B 214 -5.42 14.32 16.15
N LEU B 215 -6.74 14.26 16.12
CA LEU B 215 -7.56 15.00 15.17
C LEU B 215 -8.68 15.67 15.96
N ALA B 216 -8.90 16.96 15.70
CA ALA B 216 -9.98 17.71 16.33
C ALA B 216 -10.62 18.65 15.32
N ASP B 217 -11.94 18.77 15.36
CA ASP B 217 -12.66 19.59 14.39
C ASP B 217 -12.78 21.06 14.79
N GLY B 218 -12.41 21.37 16.02
CA GLY B 218 -12.57 22.72 16.57
C GLY B 218 -14.02 23.03 16.91
N GLN B 219 -14.84 21.98 16.95
CA GLN B 219 -16.27 22.08 17.23
C GLN B 219 -16.64 21.29 18.49
N GLY B 220 -15.62 20.91 19.26
CA GLY B 220 -15.82 20.18 20.50
C GLY B 220 -15.44 18.70 20.44
N ASN B 221 -15.25 18.19 19.23
CA ASN B 221 -14.88 16.79 19.04
C ASN B 221 -13.39 16.60 18.82
N ALA B 222 -12.82 15.59 19.48
CA ALA B 222 -11.41 15.27 19.34
C ALA B 222 -11.16 13.77 19.53
N ILE B 223 -10.32 13.21 18.66
CA ILE B 223 -9.96 11.79 18.74
C ILE B 223 -8.45 11.57 18.72
N TYR B 224 -8.01 10.51 19.39
CA TYR B 224 -6.61 10.10 19.33
C TYR B 224 -6.45 8.89 18.40
N LEU B 225 -5.38 8.91 17.61
CA LEU B 225 -5.11 7.87 16.63
C LEU B 225 -3.82 7.15 16.97
N ALA B 226 -3.80 6.52 18.14
CA ALA B 226 -2.66 5.77 18.67
C ALA B 226 -1.36 6.59 18.73
N GLU B 227 -0.24 5.88 18.79
CA GLU B 227 1.06 6.51 19.03
C GLU B 227 2.10 6.14 17.96
N ARG B 228 3.20 6.88 17.96
CA ARG B 228 4.34 6.59 17.12
C ARG B 228 5.60 6.62 17.97
N ASP B 229 6.48 5.66 17.74
CA ASP B 229 7.80 5.65 18.37
C ASP B 229 8.80 6.24 17.38
N CYS B 230 9.41 7.37 17.77
CA CYS B 230 10.35 8.08 16.92
C CYS B 230 11.75 8.14 17.55
N SER B 231 12.06 7.14 18.36
CA SER B 231 13.32 7.10 19.12
C SER B 231 14.56 6.91 18.23
N MET B 232 14.39 6.21 17.12
CA MET B 232 15.51 5.99 16.20
C MET B 232 15.85 7.30 15.49
N GLN B 233 16.80 8.01 16.07
CA GLN B 233 17.14 9.37 15.65
C GLN B 233 18.62 9.67 15.83
N ARG B 234 19.06 10.77 15.25
CA ARG B 234 20.45 11.21 15.35
C ARG B 234 20.48 12.73 15.31
N ARG B 235 21.12 13.33 16.31
CA ARG B 235 21.25 14.79 16.44
C ARG B 235 19.91 15.53 16.26
N HIS B 236 18.91 15.08 17.02
CA HIS B 236 17.56 15.67 17.01
C HIS B 236 16.81 15.53 15.67
N GLN B 237 17.32 14.64 14.82
CA GLN B 237 16.71 14.37 13.52
C GLN B 237 16.28 12.90 13.43
N LYS B 238 14.96 12.69 13.27
CA LYS B 238 14.39 11.35 13.20
C LYS B 238 14.85 10.62 11.94
N VAL B 239 15.05 9.31 12.06
CA VAL B 239 15.55 8.48 10.97
C VAL B 239 14.53 7.38 10.65
N VAL B 240 14.10 6.67 11.67
CA VAL B 240 13.06 5.64 11.55
C VAL B 240 11.94 5.96 12.54
N GLU B 241 10.70 5.85 12.07
CA GLU B 241 9.54 5.96 12.95
C GLU B 241 8.65 4.73 12.76
N GLU B 242 7.91 4.36 13.80
CA GLU B 242 7.03 3.20 13.74
C GLU B 242 5.76 3.37 14.55
N ALA B 243 4.71 2.69 14.12
CA ALA B 243 3.41 2.68 14.81
C ALA B 243 2.82 1.27 14.80
N PRO B 244 2.27 0.82 15.94
CA PRO B 244 2.33 1.46 17.25
C PRO B 244 3.71 1.30 17.89
N ALA B 245 3.91 1.89 19.07
CA ALA B 245 5.18 1.76 19.78
C ALA B 245 5.26 0.40 20.49
N PRO B 246 6.37 -0.34 20.27
CA PRO B 246 6.58 -1.63 20.93
C PRO B 246 6.49 -1.53 22.45
N GLY B 247 5.76 -2.45 23.07
CA GLY B 247 5.63 -2.50 24.52
C GLY B 247 4.43 -1.76 25.06
N ILE B 248 3.90 -0.81 24.29
CA ILE B 248 2.72 -0.05 24.69
C ILE B 248 1.48 -0.94 24.62
N THR B 249 0.83 -1.11 25.77
CA THR B 249 -0.38 -1.92 25.88
C THR B 249 -1.61 -1.10 25.48
N PRO B 250 -2.72 -1.80 25.14
CA PRO B 250 -3.99 -1.12 24.84
C PRO B 250 -4.48 -0.21 25.97
N GLU B 251 -4.24 -0.62 27.22
CA GLU B 251 -4.66 0.15 28.39
C GLU B 251 -3.81 1.41 28.59
N LEU B 252 -2.51 1.30 28.32
CA LEU B 252 -1.60 2.44 28.40
C LEU B 252 -1.86 3.44 27.26
N ARG B 253 -2.26 2.90 26.10
CA ARG B 253 -2.59 3.69 24.92
C ARG B 253 -3.83 4.55 25.17
N ARG B 254 -4.88 3.95 25.72
CA ARG B 254 -6.11 4.69 26.00
C ARG B 254 -5.95 5.65 27.17
N TYR B 255 -5.06 5.32 28.11
CA TYR B 255 -4.74 6.22 29.22
C TYR B 255 -4.26 7.57 28.71
N ILE B 256 -3.15 7.55 27.97
CA ILE B 256 -2.51 8.78 27.49
C ILE B 256 -3.27 9.39 26.30
N GLY B 257 -3.96 8.54 25.54
CA GLY B 257 -4.76 8.98 24.40
C GLY B 257 -5.95 9.83 24.82
N GLU B 258 -6.71 9.33 25.80
CA GLU B 258 -7.88 10.04 26.33
C GLU B 258 -7.52 11.41 26.92
N ARG B 259 -6.35 11.48 27.56
CA ARG B 259 -5.87 12.73 28.14
C ARG B 259 -5.45 13.75 27.08
N CYS B 260 -4.91 13.25 25.97
CA CYS B 260 -4.57 14.10 24.82
C CYS B 260 -5.82 14.66 24.15
N ALA B 261 -6.83 13.81 23.98
CA ALA B 261 -8.11 14.21 23.39
C ALA B 261 -8.85 15.22 24.26
N LYS B 262 -8.76 15.05 25.58
CA LYS B 262 -9.34 15.98 26.54
C LYS B 262 -8.63 17.33 26.48
N ALA B 263 -7.30 17.28 26.37
CA ALA B 263 -6.47 18.48 26.23
C ALA B 263 -6.82 19.28 24.97
N CYS B 264 -7.17 18.58 23.89
CA CYS B 264 -7.61 19.21 22.64
C CYS B 264 -8.90 20.01 22.83
N VAL B 265 -9.85 19.41 23.55
CA VAL B 265 -11.12 20.07 23.88
C VAL B 265 -10.87 21.30 24.75
N ASP B 266 -10.00 21.15 25.75
CA ASP B 266 -9.68 22.24 26.69
C ASP B 266 -9.05 23.47 26.04
N ILE B 267 -8.17 23.25 25.06
CA ILE B 267 -7.49 24.36 24.37
C ILE B 267 -8.18 24.78 23.06
N GLY B 268 -9.31 24.13 22.76
CA GLY B 268 -10.06 24.39 21.53
C GLY B 268 -9.29 24.09 20.27
N TYR B 269 -8.53 22.99 20.28
CA TYR B 269 -7.67 22.64 19.16
C TYR B 269 -8.46 22.31 17.89
N ARG B 270 -7.91 22.69 16.74
CA ARG B 270 -8.54 22.46 15.45
C ARG B 270 -7.56 21.86 14.44
N GLY B 271 -7.93 20.71 13.88
CA GLY B 271 -7.14 20.03 12.85
C GLY B 271 -6.28 18.89 13.38
N ALA B 272 -5.25 18.55 12.61
CA ALA B 272 -4.30 17.52 13.01
C ALA B 272 -3.23 18.11 13.93
N GLY B 273 -2.85 17.33 14.93
CA GLY B 273 -1.81 17.74 15.88
C GLY B 273 -1.11 16.54 16.50
N THR B 274 0.05 16.78 17.08
CA THR B 274 0.83 15.73 17.73
C THR B 274 1.33 16.16 19.10
N PHE B 275 1.04 15.35 20.11
CA PHE B 275 1.60 15.54 21.45
C PHE B 275 2.85 14.68 21.59
N GLU B 276 3.99 15.33 21.81
CA GLU B 276 5.26 14.63 22.00
C GLU B 276 5.49 14.30 23.47
N PHE B 277 5.85 13.04 23.73
CA PHE B 277 6.12 12.56 25.08
C PHE B 277 7.48 11.91 25.20
N LEU B 278 8.08 12.04 26.39
CA LEU B 278 9.16 11.16 26.79
C LEU B 278 8.54 9.95 27.47
N PHE B 279 8.94 8.76 27.06
CA PHE B 279 8.45 7.53 27.68
C PHE B 279 9.60 6.78 28.33
N GLU B 280 9.52 6.65 29.65
CA GLU B 280 10.54 5.97 30.43
C GLU B 280 9.90 5.30 31.64
N ASN B 281 10.32 4.07 31.92
CA ASN B 281 9.84 3.29 33.06
C ASN B 281 8.31 3.18 33.13
N GLY B 282 7.67 3.03 31.97
CA GLY B 282 6.23 2.86 31.88
C GLY B 282 5.41 4.12 32.10
N GLU B 283 6.08 5.27 32.08
CA GLU B 283 5.42 6.56 32.33
C GLU B 283 5.60 7.53 31.17
N PHE B 284 4.57 8.32 30.89
CA PHE B 284 4.60 9.35 29.86
C PHE B 284 4.86 10.74 30.46
N TYR B 285 5.67 11.54 29.77
CA TYR B 285 5.94 12.92 30.17
C TYR B 285 5.92 13.84 28.95
N PHE B 286 4.98 14.78 28.93
CA PHE B 286 4.83 15.75 27.84
C PHE B 286 6.02 16.71 27.76
N ILE B 287 6.51 16.93 26.54
CA ILE B 287 7.58 17.91 26.30
C ILE B 287 7.17 19.06 25.37
N GLU B 288 6.48 18.74 24.27
CA GLU B 288 6.04 19.76 23.30
C GLU B 288 4.92 19.26 22.39
N MET B 289 4.20 20.21 21.81
CA MET B 289 3.16 19.88 20.84
C MET B 289 3.48 20.44 19.47
N ASN B 290 3.30 19.60 18.45
CA ASN B 290 3.40 20.03 17.07
C ASN B 290 2.00 20.32 16.53
N THR B 291 1.77 21.58 16.17
CA THR B 291 0.45 22.06 15.76
C THR B 291 0.28 22.03 14.24
N ARG B 292 0.49 20.85 13.66
CA ARG B 292 0.55 20.66 12.21
C ARG B 292 0.63 19.17 11.90
N ILE B 293 0.49 18.83 10.61
CA ILE B 293 0.83 17.49 10.15
C ILE B 293 2.35 17.28 10.26
N GLN B 294 2.77 16.03 10.43
CA GLN B 294 4.19 15.70 10.56
C GLN B 294 4.66 14.80 9.43
N VAL B 295 5.97 14.79 9.22
CA VAL B 295 6.65 13.87 8.29
C VAL B 295 6.14 12.45 8.44
N GLU B 296 6.09 11.97 9.69
CA GLU B 296 5.89 10.56 9.98
C GLU B 296 4.41 10.13 10.08
N HIS B 297 3.50 10.99 9.63
CA HIS B 297 2.06 10.69 9.68
C HIS B 297 1.61 9.38 8.99
N PRO B 298 2.29 8.97 7.88
CA PRO B 298 1.86 7.76 7.18
C PRO B 298 1.81 6.46 8.00
N VAL B 299 2.69 6.27 8.97
CA VAL B 299 2.67 5.04 9.78
C VAL B 299 1.38 4.92 10.62
N THR B 300 0.88 6.07 11.09
CA THR B 300 -0.40 6.14 11.78
C THR B 300 -1.55 5.81 10.82
N GLU B 301 -1.46 6.33 9.60
CA GLU B 301 -2.45 6.06 8.56
C GLU B 301 -2.56 4.56 8.24
N MET B 302 -1.42 3.89 8.16
CA MET B 302 -1.37 2.46 7.82
C MET B 302 -2.08 1.60 8.87
N ILE B 303 -1.89 1.93 10.15
CA ILE B 303 -2.39 1.10 11.24
C ILE B 303 -3.83 1.44 11.69
N THR B 304 -4.33 2.60 11.27
CA THR B 304 -5.70 3.01 11.62
C THR B 304 -6.63 3.04 10.40
N GLY B 305 -6.05 3.17 9.21
CA GLY B 305 -6.83 3.30 7.98
C GLY B 305 -7.36 4.71 7.74
N VAL B 306 -7.00 5.64 8.61
CA VAL B 306 -7.46 7.02 8.52
C VAL B 306 -6.52 7.85 7.63
N ASP B 307 -7.08 8.53 6.63
CA ASP B 307 -6.34 9.44 5.78
C ASP B 307 -6.29 10.80 6.46
N LEU B 308 -5.14 11.11 7.08
CA LEU B 308 -4.99 12.29 7.94
C LEU B 308 -5.03 13.62 7.19
N ILE B 309 -4.49 13.64 5.97
CA ILE B 309 -4.53 14.85 5.14
C ILE B 309 -5.97 15.16 4.71
N LYS B 310 -6.69 14.13 4.27
CA LYS B 310 -8.11 14.26 3.93
C LYS B 310 -8.95 14.78 5.09
N GLU B 311 -8.66 14.27 6.29
CA GLU B 311 -9.34 14.73 7.50
C GLU B 311 -9.01 16.19 7.81
N GLN B 312 -7.75 16.59 7.58
CA GLN B 312 -7.36 18.00 7.69
C GLN B 312 -8.22 18.88 6.79
N LEU B 313 -8.43 18.41 5.57
CA LEU B 313 -9.16 19.15 4.54
C LEU B 313 -10.65 19.21 4.84
N ARG B 314 -11.21 18.10 5.32
CA ARG B 314 -12.62 18.05 5.73
C ARG B 314 -12.89 18.97 6.92
N ILE B 315 -12.02 18.91 7.94
CA ILE B 315 -12.08 19.80 9.10
C ILE B 315 -12.01 21.26 8.68
N ALA B 316 -11.07 21.59 7.81
CA ALA B 316 -10.91 22.96 7.28
C ALA B 316 -12.15 23.44 6.53
N ALA B 317 -12.87 22.51 5.89
CA ALA B 317 -14.11 22.82 5.19
C ALA B 317 -15.30 23.01 6.14
N GLY B 318 -15.05 22.92 7.44
CA GLY B 318 -16.07 23.14 8.46
C GLY B 318 -16.85 21.90 8.85
N GLN B 319 -16.41 20.74 8.36
CA GLN B 319 -17.07 19.48 8.66
C GLN B 319 -16.68 18.96 10.06
N PRO B 320 -17.68 18.57 10.87
CA PRO B 320 -17.36 17.92 12.14
C PRO B 320 -16.76 16.54 11.90
N LEU B 321 -16.06 16.01 12.90
CA LEU B 321 -15.50 14.66 12.82
C LEU B 321 -16.64 13.65 12.66
N SER B 322 -16.50 12.78 11.66
CA SER B 322 -17.45 11.68 11.46
C SER B 322 -16.92 10.43 12.14
N ILE B 323 -15.61 10.41 12.37
CA ILE B 323 -14.94 9.29 13.04
C ILE B 323 -15.09 9.45 14.55
N LYS B 324 -15.71 8.46 15.18
CA LYS B 324 -15.80 8.40 16.64
C LYS B 324 -14.61 7.62 17.18
N GLN B 325 -14.25 7.88 18.43
CA GLN B 325 -13.11 7.20 19.08
C GLN B 325 -13.28 5.68 19.07
N GLU B 326 -14.52 5.23 19.29
CA GLU B 326 -14.89 3.82 19.27
C GLU B 326 -14.59 3.14 17.94
N GLU B 327 -14.58 3.93 16.87
CA GLU B 327 -14.34 3.45 15.50
C GLU B 327 -12.85 3.41 15.14
N VAL B 328 -12.00 3.94 16.02
CA VAL B 328 -10.54 3.94 15.79
C VAL B 328 -9.94 2.67 16.39
N HIS B 329 -9.30 1.87 15.53
CA HIS B 329 -8.66 0.63 15.96
C HIS B 329 -7.24 0.51 15.41
N VAL B 330 -6.30 0.16 16.30
CA VAL B 330 -4.94 -0.17 15.90
C VAL B 330 -4.93 -1.58 15.30
N ARG B 331 -4.48 -1.68 14.05
CA ARG B 331 -4.36 -2.97 13.38
C ARG B 331 -3.02 -3.07 12.68
N GLY B 332 -2.28 -4.14 13.00
CA GLY B 332 -0.98 -4.38 12.40
C GLY B 332 0.09 -3.44 12.88
N HIS B 333 1.11 -3.25 12.06
CA HIS B 333 2.28 -2.47 12.44
C HIS B 333 2.90 -1.83 11.19
N ALA B 334 3.39 -0.61 11.33
CA ALA B 334 4.00 0.11 10.22
C ALA B 334 5.34 0.72 10.61
N VAL B 335 6.30 0.65 9.69
CA VAL B 335 7.62 1.25 9.88
C VAL B 335 7.89 2.23 8.74
N GLU B 336 8.47 3.39 9.07
CA GLU B 336 8.90 4.36 8.05
C GLU B 336 10.39 4.60 8.10
N CYS B 337 11.04 4.51 6.94
CA CYS B 337 12.43 4.89 6.77
C CYS B 337 12.49 6.18 5.97
N ARG B 338 13.03 7.23 6.58
CA ARG B 338 13.28 8.48 5.87
C ARG B 338 14.43 8.30 4.89
N ILE B 339 14.23 8.73 3.65
CA ILE B 339 15.28 8.68 2.63
C ILE B 339 15.85 10.09 2.42
N ASN B 340 17.12 10.28 2.78
CA ASN B 340 17.75 11.58 2.69
C ASN B 340 18.88 11.61 1.66
N ALA B 341 18.97 12.72 0.94
CA ALA B 341 20.07 12.95 0.00
C ALA B 341 21.31 13.43 0.76
N GLU B 342 22.01 12.46 1.36
CA GLU B 342 23.18 12.72 2.19
C GLU B 342 24.04 11.46 2.21
N ASP B 343 25.31 11.61 2.57
CA ASP B 343 26.23 10.47 2.69
C ASP B 343 25.80 9.59 3.87
N PRO B 344 25.72 8.25 3.65
CA PRO B 344 25.28 7.33 4.70
C PRO B 344 26.25 7.22 5.89
N ASN B 345 27.45 7.80 5.75
CA ASN B 345 28.47 7.74 6.79
C ASN B 345 28.81 9.10 7.42
N THR B 346 28.98 10.12 6.57
CA THR B 346 29.38 11.46 7.03
C THR B 346 28.19 12.41 7.14
N PHE B 347 27.11 12.07 6.45
CA PHE B 347 25.88 12.88 6.39
C PHE B 347 26.08 14.25 5.74
N LEU B 348 27.10 14.35 4.88
CA LEU B 348 27.28 15.51 4.01
C LEU B 348 26.14 15.53 2.99
N PRO B 349 25.44 16.68 2.86
CA PRO B 349 24.34 16.79 1.91
C PRO B 349 24.76 16.40 0.49
N SER B 350 23.87 15.72 -0.22
CA SER B 350 24.17 15.26 -1.57
C SER B 350 23.09 15.72 -2.57
N PRO B 351 23.06 17.03 -2.88
CA PRO B 351 22.17 17.48 -3.95
C PRO B 351 22.72 17.04 -5.31
N GLY B 352 21.87 17.06 -6.33
CA GLY B 352 22.30 16.72 -7.68
C GLY B 352 21.29 15.91 -8.46
N LYS B 353 21.64 15.59 -9.70
CA LYS B 353 20.74 14.88 -10.60
C LYS B 353 20.64 13.40 -10.29
N ILE B 354 19.42 12.92 -10.12
CA ILE B 354 19.16 11.48 -10.02
C ILE B 354 19.15 10.91 -11.44
N THR B 355 20.14 10.06 -11.72
CA THR B 355 20.38 9.54 -13.07
C THR B 355 19.65 8.22 -13.33
N ARG B 356 19.39 7.47 -12.24
CA ARG B 356 18.56 6.28 -12.31
C ARG B 356 17.71 6.18 -11.05
N PHE B 357 16.42 5.93 -11.25
CA PHE B 357 15.51 5.74 -10.13
C PHE B 357 14.54 4.59 -10.36
N HIS B 358 14.40 3.74 -9.34
CA HIS B 358 13.37 2.71 -9.32
C HIS B 358 12.78 2.60 -7.92
N ALA B 359 11.46 2.72 -7.85
CA ALA B 359 10.73 2.62 -6.60
C ALA B 359 10.42 1.16 -6.27
N PRO B 360 10.47 0.80 -4.97
CA PRO B 360 10.05 -0.53 -4.58
C PRO B 360 8.53 -0.69 -4.66
N GLY B 361 8.06 -1.91 -4.83
CA GLY B 361 6.63 -2.22 -4.81
C GLY B 361 6.34 -3.39 -3.90
N GLY B 362 5.11 -3.90 -3.99
CA GLY B 362 4.72 -5.07 -3.23
C GLY B 362 3.61 -4.81 -2.22
N PHE B 363 3.08 -5.89 -1.67
CA PHE B 363 2.03 -5.84 -0.67
C PHE B 363 2.54 -5.18 0.60
N GLY B 364 1.82 -4.15 1.07
CA GLY B 364 2.18 -3.44 2.28
C GLY B 364 3.32 -2.45 2.12
N VAL B 365 3.72 -2.17 0.87
CA VAL B 365 4.80 -1.23 0.57
C VAL B 365 4.24 0.10 0.06
N ARG B 366 4.51 1.17 0.81
CA ARG B 366 4.05 2.50 0.44
C ARG B 366 5.24 3.43 0.22
N TRP B 367 5.28 4.05 -0.95
CA TRP B 367 6.36 4.95 -1.35
C TRP B 367 5.85 6.39 -1.45
N GLU B 368 6.44 7.26 -0.64
CA GLU B 368 6.05 8.67 -0.57
C GLU B 368 7.19 9.58 -1.00
N SER B 369 7.23 9.95 -2.28
CA SER B 369 8.32 10.77 -2.81
C SER B 369 7.99 11.45 -4.13
N HIS B 370 8.53 12.65 -4.29
CA HIS B 370 8.42 13.44 -5.51
C HIS B 370 9.52 13.12 -6.53
N ILE B 371 10.50 12.33 -6.13
CA ILE B 371 11.67 12.09 -7.00
C ILE B 371 11.37 11.20 -8.21
N TYR B 372 12.08 11.47 -9.30
CA TYR B 372 12.01 10.66 -10.51
C TYR B 372 13.36 10.67 -11.21
N ALA B 373 13.56 9.75 -12.15
CA ALA B 373 14.78 9.70 -12.93
C ALA B 373 14.90 10.95 -13.80
N GLY B 374 16.03 11.64 -13.68
CA GLY B 374 16.25 12.90 -14.40
C GLY B 374 16.05 14.12 -13.52
N TYR B 375 15.41 13.94 -12.36
CA TYR B 375 15.15 15.02 -11.43
C TYR B 375 16.41 15.42 -10.66
N THR B 376 16.62 16.72 -10.51
CA THR B 376 17.73 17.26 -9.72
C THR B 376 17.25 17.66 -8.33
N VAL B 377 17.84 17.03 -7.31
CA VAL B 377 17.65 17.45 -5.93
C VAL B 377 18.44 18.75 -5.72
N PRO B 378 17.73 19.86 -5.44
CA PRO B 378 18.39 21.17 -5.32
C PRO B 378 19.15 21.32 -4.00
N PRO B 379 20.23 22.11 -4.00
CA PRO B 379 21.02 22.32 -2.78
C PRO B 379 20.39 23.30 -1.78
N TYR B 380 19.24 23.88 -2.13
CA TYR B 380 18.65 24.99 -1.35
C TYR B 380 17.82 24.56 -0.14
N TYR B 381 17.38 23.29 -0.12
CA TYR B 381 16.39 22.85 0.84
C TYR B 381 16.84 21.66 1.70
N ASP B 382 15.91 21.07 2.44
CA ASP B 382 16.19 19.95 3.34
C ASP B 382 16.66 18.70 2.57
N SER B 383 17.32 17.78 3.28
CA SER B 383 17.90 16.60 2.66
C SER B 383 16.88 15.48 2.37
N MET B 384 15.74 15.50 3.07
CA MET B 384 14.76 14.42 2.91
C MET B 384 14.08 14.49 1.55
N ILE B 385 14.28 13.43 0.76
CA ILE B 385 13.76 13.35 -0.60
C ILE B 385 12.64 12.31 -0.75
N GLY B 386 12.44 11.49 0.28
CA GLY B 386 11.44 10.44 0.23
C GLY B 386 11.21 9.73 1.55
N LYS B 387 10.12 8.97 1.60
CA LYS B 387 9.80 8.15 2.77
C LYS B 387 9.31 6.79 2.28
N LEU B 388 9.90 5.73 2.83
CA LEU B 388 9.47 4.38 2.53
C LEU B 388 8.75 3.82 3.74
N ILE B 389 7.47 3.48 3.55
CA ILE B 389 6.62 3.00 4.65
C ILE B 389 6.17 1.58 4.35
N CYS B 390 6.48 0.66 5.26
CA CYS B 390 6.06 -0.73 5.09
C CYS B 390 5.14 -1.18 6.22
N TYR B 391 4.04 -1.82 5.83
CA TYR B 391 3.05 -2.31 6.77
C TYR B 391 2.98 -3.84 6.77
N GLY B 392 2.74 -4.41 7.94
CA GLY B 392 2.48 -5.85 8.08
C GLY B 392 1.48 -6.12 9.19
N GLU B 393 0.94 -7.33 9.22
CA GLU B 393 0.01 -7.74 10.28
C GLU B 393 0.67 -7.73 11.66
N ASN B 394 2.00 -7.75 11.66
CA ASN B 394 2.80 -7.58 12.88
C ASN B 394 4.13 -6.89 12.58
N ARG B 395 4.86 -6.51 13.62
CA ARG B 395 6.12 -5.77 13.49
C ARG B 395 7.19 -6.50 12.66
N ASP B 396 7.30 -7.80 12.86
CA ASP B 396 8.29 -8.61 12.13
C ASP B 396 8.06 -8.59 10.63
N VAL B 397 6.80 -8.70 10.22
CA VAL B 397 6.42 -8.65 8.80
C VAL B 397 6.71 -7.26 8.20
N ALA B 398 6.39 -6.21 8.95
CA ALA B 398 6.68 -4.84 8.53
C ALA B 398 8.18 -4.62 8.30
N ILE B 399 8.99 -5.14 9.21
CA ILE B 399 10.46 -5.05 9.11
C ILE B 399 11.00 -5.87 7.94
N ALA B 400 10.50 -7.11 7.80
CA ALA B 400 10.89 -7.99 6.70
C ALA B 400 10.60 -7.35 5.34
N ARG B 401 9.42 -6.74 5.22
CA ARG B 401 9.04 -6.02 4.00
C ARG B 401 9.91 -4.79 3.75
N MET B 402 10.30 -4.10 4.82
CA MET B 402 11.19 -2.94 4.70
C MET B 402 12.56 -3.33 4.16
N LYS B 403 13.11 -4.42 4.68
CA LYS B 403 14.38 -4.98 4.20
C LYS B 403 14.32 -5.24 2.69
N ASN B 404 13.25 -5.88 2.24
CA ASN B 404 13.05 -6.16 0.81
C ASN B 404 12.92 -4.89 -0.02
N ALA B 405 12.09 -3.97 0.47
CA ALA B 405 11.83 -2.71 -0.23
C ALA B 405 13.08 -1.86 -0.41
N LEU B 406 13.90 -1.78 0.64
CA LEU B 406 15.14 -1.00 0.60
C LEU B 406 16.13 -1.55 -0.42
N GLN B 407 16.17 -2.88 -0.57
CA GLN B 407 17.01 -3.54 -1.57
C GLN B 407 16.58 -3.24 -3.00
N GLU B 408 15.28 -3.08 -3.21
CA GLU B 408 14.72 -2.78 -4.53
C GLU B 408 14.92 -1.32 -4.92
N LEU B 409 14.99 -0.45 -3.92
CA LEU B 409 15.09 0.99 -4.14
C LEU B 409 16.42 1.38 -4.78
N ILE B 410 16.33 2.02 -5.95
CA ILE B 410 17.51 2.48 -6.66
C ILE B 410 17.47 4.00 -6.78
N ILE B 411 18.50 4.64 -6.25
CA ILE B 411 18.70 6.09 -6.41
C ILE B 411 20.18 6.33 -6.72
N ASP B 412 20.46 6.55 -8.00
CA ASP B 412 21.83 6.74 -8.47
C ASP B 412 22.06 8.21 -8.84
N GLY B 413 23.31 8.66 -8.74
CA GLY B 413 23.68 10.02 -9.09
C GLY B 413 23.95 10.89 -7.88
N ILE B 414 23.35 10.52 -6.75
CA ILE B 414 23.55 11.20 -5.47
C ILE B 414 23.74 10.16 -4.38
N LYS B 415 24.34 10.59 -3.25
CA LYS B 415 24.43 9.74 -2.08
C LYS B 415 23.11 9.77 -1.32
N THR B 416 22.72 8.61 -0.77
CA THR B 416 21.54 8.52 0.09
C THR B 416 21.87 7.75 1.36
N ASN B 417 20.97 7.82 2.34
CA ASN B 417 21.12 7.08 3.60
C ASN B 417 20.51 5.68 3.54
N VAL B 418 20.23 5.19 2.34
CA VAL B 418 19.60 3.87 2.15
C VAL B 418 20.42 2.76 2.83
N ASP B 419 21.74 2.79 2.66
CA ASP B 419 22.63 1.82 3.28
C ASP B 419 22.59 1.85 4.80
N LEU B 420 22.43 3.04 5.38
CA LEU B 420 22.21 3.18 6.81
C LEU B 420 20.89 2.54 7.25
N GLN B 421 19.84 2.77 6.47
CA GLN B 421 18.52 2.20 6.77
C GLN B 421 18.54 0.67 6.74
N ILE B 422 19.27 0.10 5.77
CA ILE B 422 19.48 -1.35 5.71
C ILE B 422 20.21 -1.84 6.97
N ARG B 423 21.23 -1.11 7.40
CA ARG B 423 21.96 -1.41 8.64
C ARG B 423 21.04 -1.42 9.87
N ILE B 424 20.16 -0.42 9.96
CA ILE B 424 19.22 -0.31 11.08
C ILE B 424 18.20 -1.45 11.09
N MET B 425 17.66 -1.78 9.92
CA MET B 425 16.71 -2.89 9.80
C MET B 425 17.33 -4.22 10.21
N ASN B 426 18.62 -4.39 9.91
CA ASN B 426 19.38 -5.60 10.25
C ASN B 426 19.88 -5.63 11.71
N ASP B 427 19.69 -4.53 12.43
CA ASP B 427 20.16 -4.38 13.80
C ASP B 427 19.34 -5.23 14.76
N GLU B 428 20.03 -6.08 15.54
CA GLU B 428 19.36 -7.02 16.45
C GLU B 428 18.57 -6.33 17.56
N ASN B 429 19.09 -5.21 18.05
CA ASN B 429 18.41 -4.45 19.10
C ASN B 429 17.16 -3.75 18.56
N PHE B 430 17.21 -3.29 17.32
CA PHE B 430 16.04 -2.72 16.66
C PHE B 430 14.97 -3.80 16.41
N GLN B 431 15.42 -4.98 15.96
CA GLN B 431 14.52 -6.10 15.68
C GLN B 431 13.81 -6.58 16.95
N HIS B 432 14.51 -6.50 18.09
CA HIS B 432 13.91 -6.75 19.39
C HIS B 432 12.88 -5.65 19.70
N GLY B 433 13.26 -4.40 19.43
CA GLY B 433 12.37 -3.26 19.59
C GLY B 433 12.54 -2.54 20.92
N GLY B 434 12.10 -1.29 20.95
CA GLY B 434 12.06 -0.49 22.18
C GLY B 434 13.38 0.15 22.60
N THR B 435 14.27 0.38 21.64
CA THR B 435 15.53 1.08 21.91
C THR B 435 15.28 2.56 22.19
N ASN B 436 16.15 3.18 22.97
CA ASN B 436 15.97 4.58 23.38
C ASN B 436 16.47 5.59 22.33
N ILE B 437 16.33 6.87 22.66
CA ILE B 437 16.68 7.97 21.75
C ILE B 437 18.19 8.08 21.45
N HIS B 438 19.01 7.43 22.27
CA HIS B 438 20.46 7.55 22.15
C HIS B 438 21.10 6.35 21.44
N TYR B 439 20.30 5.35 21.09
CA TYR B 439 20.83 4.11 20.53
C TYR B 439 21.61 4.27 19.22
N LEU B 440 21.05 5.01 18.27
CA LEU B 440 21.67 5.17 16.95
C LEU B 440 23.04 5.84 17.03
N GLU B 441 23.14 6.83 17.92
CA GLU B 441 24.35 7.62 18.10
C GLU B 441 25.52 6.78 18.62
N LYS B 442 25.24 5.81 19.48
CA LYS B 442 26.28 4.93 20.01
C LYS B 442 26.58 3.73 19.11
N LYS B 443 25.59 3.30 18.34
CA LYS B 443 25.79 2.27 17.31
C LYS B 443 26.76 2.80 16.25
N LEU B 444 26.53 4.04 15.82
CA LEU B 444 27.39 4.71 14.83
C LEU B 444 28.72 5.17 15.41
N GLY B 445 28.75 5.39 16.73
CA GLY B 445 29.94 5.86 17.41
C GLY B 445 30.96 4.79 17.72
N LEU B 446 30.79 3.62 17.35
#